data_8HI5
#
_entry.id   8HI5
#
_cell.length_a   83.670
_cell.length_b   83.670
_cell.length_c   375.540
_cell.angle_alpha   90.00
_cell.angle_beta   90.00
_cell.angle_gamma   120.00
#
_symmetry.space_group_name_H-M   'P 65 2 2'
#
loop_
_entity.id
_entity.type
_entity.pdbx_description
1 polymer 'Short-chain dehydrogenase/reductase SDR'
2 non-polymer '3-oxidanylidenepropanoic acid'
3 non-polymer 'NADP NICOTINAMIDE-ADENINE-DINUCLEOTIDE PHOSPHATE'
4 water water
#
_entity_poly.entity_id   1
_entity_poly.type   'polypeptide(L)'
_entity_poly.pdbx_seq_one_letter_code
;MGSSHHHHHHGWAESLFGLHMGKVALITGGSAGIGGQIGRLLALSGAHVMLAARNADQLEQMRASIVREVRDASYPDAES
RVAIFPGSDVSDIDGLERLVNHTVRVFGKVDYLINNAGIAGAEEMVIDMPVDAWRHTLRANLISNYALLRRLAPQMKAAG
GAYVLNVSSYFGGEKYVAIPYPNRSDYAVSKAGQRAMVESLARFLGPEIQINAIAPGPVEGERLKGAGSRPGLFMRRARL
ILENKRLNEVFAALLAARHEGATIADLLPDLFANDIQSIANSAAMPAPLRRLATMLRETSDAGGSAQSYLMNATIARKLL
NRLENGGYITLHDRRALTVEPPEPFFTEAQIEREAIKVRDGILGMLHLQRMPTEFDVALATVFYLADRNVTGETFHPSGG
LRFERTVTEGELFGKPGQQRLERLKGSVVYLIGEHLRQHLVLLARTFLDEIHVARVVLLTETTQAATDLAAELSDYEAAG
RFVVIPTCGDIEGGIDRAMAEYGRPGPVISTPFRPLPDRALSARNGDWSSVLTTAEFEELVEQQITHHFRVARKAGLIEG
ANVTLVTPPTSARSTSEEFALANFVKTTLHALTATAGAESERTVPHVPVNQVDLTRRARSEEPRTPSEEEEELQRFVNAV
LLTSAPLPTPLESRYRARIYRGNAITV
;
_entity_poly.pdbx_strand_id   A
#
# COMPACT_ATOMS: atom_id res chain seq x y z
N GLY A 11 -15.69 -36.66 10.57
CA GLY A 11 -15.77 -36.30 11.96
C GLY A 11 -14.74 -35.27 12.38
N TRP A 12 -14.79 -34.10 11.75
CA TRP A 12 -13.81 -33.04 12.04
C TRP A 12 -13.96 -32.52 13.47
N ALA A 13 -15.18 -32.47 13.99
CA ALA A 13 -15.36 -32.05 15.39
C ALA A 13 -14.61 -32.99 16.32
N GLU A 14 -14.70 -34.29 16.05
CA GLU A 14 -14.04 -35.26 16.92
C GLU A 14 -12.53 -35.09 16.91
N SER A 15 -11.95 -34.78 15.75
CA SER A 15 -10.51 -34.58 15.72
C SER A 15 -10.11 -33.26 16.36
N LEU A 16 -11.01 -32.27 16.38
CA LEU A 16 -10.68 -31.01 17.03
C LEU A 16 -10.66 -31.14 18.55
N PHE A 17 -11.26 -32.20 19.11
CA PHE A 17 -11.61 -32.17 20.52
C PHE A 17 -10.38 -32.02 21.41
N GLY A 18 -10.42 -31.02 22.29
CA GLY A 18 -9.32 -30.79 23.21
C GLY A 18 -8.03 -30.31 22.56
N LEU A 19 -8.03 -30.01 21.26
CA LEU A 19 -6.79 -29.63 20.59
C LEU A 19 -6.18 -28.36 21.19
N HIS A 20 -7.02 -27.42 21.65
CA HIS A 20 -6.52 -26.18 22.24
C HIS A 20 -7.10 -25.97 23.64
N MET A 21 -7.37 -27.05 24.36
CA MET A 21 -7.93 -27.02 25.71
C MET A 21 -7.19 -26.03 26.60
N GLY A 22 -7.94 -25.07 27.17
CA GLY A 22 -7.40 -24.15 28.14
C GLY A 22 -6.75 -22.89 27.58
N LYS A 23 -6.70 -22.74 26.28
CA LYS A 23 -6.25 -21.48 25.71
C LYS A 23 -7.40 -20.48 25.73
N VAL A 24 -7.02 -19.21 25.77
CA VAL A 24 -7.94 -18.09 25.56
C VAL A 24 -7.52 -17.38 24.29
N ALA A 25 -8.40 -17.33 23.29
CA ALA A 25 -8.13 -16.65 22.03
C ALA A 25 -9.00 -15.41 21.85
N LEU A 26 -8.38 -14.30 21.46
CA LEU A 26 -9.08 -13.12 20.96
C LEU A 26 -9.08 -13.13 19.43
N ILE A 27 -10.25 -13.00 18.81
CA ILE A 27 -10.38 -12.97 17.36
C ILE A 27 -11.09 -11.67 16.96
N THR A 28 -10.43 -10.84 16.15
CA THR A 28 -11.08 -9.65 15.60
C THR A 28 -11.82 -9.99 14.32
N GLY A 29 -12.88 -9.22 14.05
CA GLY A 29 -13.77 -9.55 12.95
C GLY A 29 -14.33 -10.95 13.10
N GLY A 30 -14.83 -11.26 14.28
CA GLY A 30 -15.14 -12.62 14.63
C GLY A 30 -16.59 -13.05 14.55
N SER A 31 -17.44 -12.31 13.85
CA SER A 31 -18.88 -12.58 13.80
C SER A 31 -19.34 -13.16 12.45
N ALA A 32 -18.45 -13.25 11.48
CA ALA A 32 -18.77 -13.81 10.17
C ALA A 32 -17.45 -14.09 9.45
N GLY A 33 -17.56 -14.63 8.24
CA GLY A 33 -16.41 -14.99 7.41
C GLY A 33 -15.43 -15.94 8.11
N ILE A 34 -14.16 -15.86 7.66
CA ILE A 34 -13.08 -16.71 8.16
C ILE A 34 -12.89 -16.56 9.66
N GLY A 35 -12.96 -15.31 10.16
CA GLY A 35 -12.79 -15.07 11.58
C GLY A 35 -13.88 -15.72 12.40
N GLY A 36 -15.09 -15.75 11.87
CA GLY A 36 -16.17 -16.45 12.56
C GLY A 36 -15.92 -17.95 12.61
N GLN A 37 -15.41 -18.50 11.52
CA GLN A 37 -15.08 -19.93 11.50
C GLN A 37 -13.89 -20.24 12.41
N ILE A 38 -12.85 -19.40 12.40
CA ILE A 38 -11.72 -19.68 13.31
C ILE A 38 -12.17 -19.62 14.75
N GLY A 39 -12.99 -18.62 15.09
CA GLY A 39 -13.51 -18.53 16.45
C GLY A 39 -14.35 -19.74 16.79
N ARG A 40 -15.19 -20.18 15.85
CA ARG A 40 -16.00 -21.38 16.04
C ARG A 40 -15.13 -22.60 16.30
N LEU A 41 -14.14 -22.83 15.42
CA LEU A 41 -13.32 -24.04 15.55
C LEU A 41 -12.38 -23.98 16.75
N LEU A 42 -11.92 -22.78 17.14
CA LEU A 42 -11.17 -22.70 18.39
C LEU A 42 -12.05 -23.00 19.59
N ALA A 43 -13.33 -22.61 19.55
CA ALA A 43 -14.20 -23.02 20.64
C ALA A 43 -14.35 -24.54 20.66
N LEU A 44 -14.63 -25.11 19.48
CA LEU A 44 -14.79 -26.56 19.35
C LEU A 44 -13.52 -27.34 19.71
N SER A 45 -12.38 -26.67 19.84
CA SER A 45 -11.14 -27.29 20.30
C SER A 45 -10.89 -27.07 21.77
N GLY A 46 -11.86 -26.54 22.50
CA GLY A 46 -11.73 -26.31 23.94
C GLY A 46 -11.12 -25.00 24.35
N ALA A 47 -10.96 -24.04 23.44
CA ALA A 47 -10.42 -22.76 23.79
C ALA A 47 -11.57 -21.83 24.15
N HIS A 48 -11.35 -21.00 25.17
CA HIS A 48 -12.25 -19.88 25.43
C HIS A 48 -11.98 -18.79 24.39
N VAL A 49 -13.02 -18.31 23.74
CA VAL A 49 -12.84 -17.34 22.67
C VAL A 49 -13.62 -16.07 22.97
N MET A 50 -12.97 -14.93 22.74
CA MET A 50 -13.63 -13.64 22.70
C MET A 50 -13.72 -13.19 21.26
N LEU A 51 -14.94 -12.89 20.81
CA LEU A 51 -15.19 -12.43 19.45
C LEU A 51 -15.40 -10.92 19.46
N ALA A 52 -14.82 -10.23 18.47
CA ALA A 52 -14.92 -8.79 18.38
C ALA A 52 -15.29 -8.41 16.96
N ALA A 53 -16.26 -7.51 16.84
CA ALA A 53 -16.68 -6.93 15.56
C ALA A 53 -17.45 -5.66 15.87
N ARG A 54 -18.05 -5.07 14.84
CA ARG A 54 -18.78 -3.82 15.04
C ARG A 54 -20.23 -4.06 15.46
N ASN A 55 -21.01 -4.81 14.65
CA ASN A 55 -22.45 -4.97 14.84
C ASN A 55 -22.78 -5.97 15.93
N ALA A 56 -23.57 -5.55 16.94
CA ALA A 56 -23.76 -6.35 18.14
C ALA A 56 -24.71 -7.52 17.92
N ASP A 57 -25.68 -7.39 17.03
CA ASP A 57 -26.63 -8.48 16.88
C ASP A 57 -26.00 -9.66 16.13
N GLN A 58 -25.23 -9.38 15.08
CA GLN A 58 -24.47 -10.43 14.40
C GLN A 58 -23.55 -11.15 15.37
N LEU A 59 -22.86 -10.40 16.22
CA LEU A 59 -22.02 -11.01 17.23
C LEU A 59 -22.84 -11.90 18.14
N GLU A 60 -24.06 -11.48 18.46
CA GLU A 60 -24.94 -12.26 19.32
C GLU A 60 -25.37 -13.56 18.64
N GLN A 61 -25.68 -13.48 17.34
CA GLN A 61 -26.17 -14.66 16.62
C GLN A 61 -25.05 -15.67 16.40
N MET A 62 -23.83 -15.19 16.11
CA MET A 62 -22.69 -16.10 15.98
C MET A 62 -22.34 -16.73 17.32
N ARG A 63 -22.39 -15.95 18.39
CA ARG A 63 -22.11 -16.50 19.71
C ARG A 63 -23.10 -17.61 20.05
N ALA A 64 -24.40 -17.35 19.84
CA ALA A 64 -25.42 -18.37 20.05
C ALA A 64 -25.05 -19.66 19.33
N SER A 65 -24.85 -19.57 18.01
CA SER A 65 -24.59 -20.76 17.21
C SER A 65 -23.40 -21.54 17.76
N ILE A 66 -22.33 -20.84 18.12
CA ILE A 66 -21.11 -21.52 18.58
C ILE A 66 -21.36 -22.22 19.92
N VAL A 67 -22.00 -21.52 20.87
CA VAL A 67 -22.22 -22.10 22.20
C VAL A 67 -23.01 -23.41 22.09
N ARG A 68 -24.03 -23.43 21.23
CA ARG A 68 -24.79 -24.66 21.00
C ARG A 68 -23.87 -25.80 20.58
N GLU A 69 -23.02 -25.57 19.57
CA GLU A 69 -22.07 -26.61 19.15
C GLU A 69 -21.14 -27.00 20.28
N VAL A 70 -20.76 -26.06 21.15
CA VAL A 70 -19.80 -26.39 22.20
C VAL A 70 -20.39 -27.36 23.21
N ARG A 71 -21.65 -27.15 23.59
CA ARG A 71 -22.34 -28.06 24.47
C ARG A 71 -22.50 -29.43 23.83
N ASP A 72 -22.92 -29.48 22.56
CA ASP A 72 -23.05 -30.75 21.87
C ASP A 72 -21.73 -31.52 21.78
N ALA A 73 -20.61 -30.79 21.78
CA ALA A 73 -19.29 -31.39 21.83
C ALA A 73 -18.90 -31.83 23.23
N SER A 74 -19.73 -31.56 24.23
CA SER A 74 -19.53 -32.01 25.63
C SER A 74 -18.42 -31.25 26.34
N TYR A 75 -18.26 -29.98 26.01
CA TYR A 75 -17.36 -29.18 26.83
C TYR A 75 -18.12 -28.64 28.04
N PRO A 76 -17.47 -28.53 29.18
CA PRO A 76 -18.15 -28.05 30.39
C PRO A 76 -18.53 -26.57 30.28
N ASP A 77 -19.67 -26.24 30.88
CA ASP A 77 -20.10 -24.85 31.05
C ASP A 77 -19.99 -24.06 29.75
N ALA A 78 -20.59 -24.59 28.69
CA ALA A 78 -20.40 -24.04 27.34
C ALA A 78 -20.74 -22.56 27.27
N GLU A 79 -21.74 -22.10 28.02
CA GLU A 79 -22.18 -20.71 27.94
C GLU A 79 -21.06 -19.74 28.28
N SER A 80 -20.14 -20.13 29.14
CA SER A 80 -19.05 -19.26 29.57
C SER A 80 -17.79 -19.42 28.72
N ARG A 81 -17.82 -20.22 27.65
CA ARG A 81 -16.65 -20.44 26.81
C ARG A 81 -16.56 -19.48 25.63
N VAL A 82 -17.66 -18.78 25.32
CA VAL A 82 -17.71 -17.83 24.21
C VAL A 82 -18.17 -16.49 24.76
N ALA A 83 -17.49 -15.42 24.38
CA ALA A 83 -17.84 -14.07 24.75
C ALA A 83 -17.78 -13.18 23.52
N ILE A 84 -18.48 -12.04 23.57
CA ILE A 84 -18.48 -11.10 22.46
C ILE A 84 -18.13 -9.72 22.99
N PHE A 85 -17.65 -8.87 22.07
CA PHE A 85 -17.28 -7.51 22.39
C PHE A 85 -17.63 -6.66 21.17
N PRO A 86 -18.83 -6.12 21.15
CA PRO A 86 -19.27 -5.34 19.97
C PRO A 86 -18.72 -3.93 19.99
N GLY A 87 -18.98 -3.22 18.90
CA GLY A 87 -18.41 -1.89 18.74
C GLY A 87 -16.90 -1.88 18.73
N SER A 88 -16.29 -2.86 18.10
CA SER A 88 -14.85 -2.92 17.95
C SER A 88 -14.55 -2.70 16.47
N ASP A 89 -14.23 -1.47 16.10
CA ASP A 89 -13.72 -1.14 14.78
C ASP A 89 -12.20 -1.10 14.87
N VAL A 90 -11.53 -2.01 14.16
CA VAL A 90 -10.06 -2.12 14.30
C VAL A 90 -9.34 -0.89 13.76
N SER A 91 -10.00 -0.06 12.92
CA SER A 91 -9.36 1.20 12.55
C SER A 91 -9.31 2.20 13.70
N ASP A 92 -9.97 1.92 14.82
CA ASP A 92 -9.96 2.81 15.98
C ASP A 92 -8.94 2.27 16.97
N ILE A 93 -7.69 2.74 16.82
CA ILE A 93 -6.56 2.16 17.53
C ILE A 93 -6.68 2.33 19.04
N ASP A 94 -7.30 3.42 19.49
CA ASP A 94 -7.43 3.64 20.93
C ASP A 94 -8.45 2.72 21.56
N GLY A 95 -9.48 2.33 20.80
CA GLY A 95 -10.49 1.42 21.31
C GLY A 95 -10.00 0.01 21.55
N LEU A 96 -8.97 -0.42 20.81
CA LEU A 96 -8.44 -1.77 20.98
C LEU A 96 -7.98 -1.98 22.40
N GLU A 97 -7.53 -0.92 23.06
CA GLU A 97 -7.15 -1.03 24.46
C GLU A 97 -8.32 -1.49 25.33
N ARG A 98 -9.51 -0.92 25.11
CA ARG A 98 -10.66 -1.33 25.90
C ARG A 98 -11.06 -2.77 25.57
N LEU A 99 -10.96 -3.16 24.29
CA LEU A 99 -11.15 -4.55 23.91
C LEU A 99 -10.24 -5.50 24.69
N VAL A 100 -8.96 -5.13 24.83
CA VAL A 100 -8.04 -6.02 25.53
C VAL A 100 -8.35 -6.04 27.02
N ASN A 101 -8.50 -4.87 27.63
CA ASN A 101 -8.90 -4.77 29.04
C ASN A 101 -10.09 -5.67 29.34
N HIS A 102 -11.13 -5.58 28.51
CA HIS A 102 -12.31 -6.41 28.73
C HIS A 102 -11.99 -7.90 28.61
N THR A 103 -11.14 -8.28 27.66
CA THR A 103 -10.85 -9.70 27.47
C THR A 103 -10.07 -10.26 28.65
N VAL A 104 -9.08 -9.51 29.14
CA VAL A 104 -8.36 -9.97 30.31
C VAL A 104 -9.28 -10.04 31.53
N ARG A 105 -10.21 -9.08 31.63
CA ARG A 105 -11.22 -9.06 32.69
C ARG A 105 -12.13 -10.28 32.64
N VAL A 106 -12.57 -10.69 31.44
CA VAL A 106 -13.51 -11.79 31.32
C VAL A 106 -12.82 -13.15 31.51
N PHE A 107 -11.65 -13.36 30.89
CA PHE A 107 -11.02 -14.68 30.93
C PHE A 107 -9.72 -14.75 31.73
N GLY A 108 -9.13 -13.63 32.12
CA GLY A 108 -7.94 -13.65 32.95
C GLY A 108 -6.62 -13.59 32.20
N LYS A 109 -6.62 -13.86 30.89
CA LYS A 109 -5.38 -13.98 30.12
C LYS A 109 -5.77 -14.12 28.66
N VAL A 110 -4.81 -13.83 27.78
CA VAL A 110 -4.93 -14.11 26.36
C VAL A 110 -3.71 -14.93 25.94
N ASP A 111 -3.96 -16.11 25.37
CA ASP A 111 -2.89 -16.92 24.80
C ASP A 111 -2.74 -16.72 23.30
N TYR A 112 -3.86 -16.73 22.56
CA TYR A 112 -3.84 -16.58 21.12
C TYR A 112 -4.41 -15.23 20.74
N LEU A 113 -3.71 -14.50 19.89
CA LEU A 113 -4.24 -13.30 19.25
C LEU A 113 -4.41 -13.59 17.77
N ILE A 114 -5.65 -13.61 17.30
CA ILE A 114 -5.95 -13.82 15.89
C ILE A 114 -6.32 -12.45 15.30
N ASN A 115 -5.34 -11.81 14.65
CA ASN A 115 -5.54 -10.54 13.95
C ASN A 115 -6.24 -10.80 12.62
N ASN A 116 -7.54 -11.04 12.69
CA ASN A 116 -8.27 -11.47 11.51
C ASN A 116 -8.94 -10.35 10.72
N ALA A 117 -9.42 -9.28 11.38
CA ALA A 117 -10.23 -8.28 10.69
C ALA A 117 -9.43 -7.56 9.62
N GLY A 118 -10.06 -7.33 8.47
CA GLY A 118 -9.43 -6.74 7.31
C GLY A 118 -10.47 -6.17 6.35
N ILE A 119 -10.39 -4.86 6.10
CA ILE A 119 -11.30 -4.19 5.21
C ILE A 119 -10.69 -4.11 3.81
N ALA A 120 -11.53 -3.84 2.82
CA ALA A 120 -11.10 -3.89 1.43
C ALA A 120 -10.28 -2.67 1.03
N GLY A 121 -10.46 -1.55 1.72
CA GLY A 121 -9.77 -0.30 1.39
C GLY A 121 -10.50 0.52 0.36
N ALA A 122 -9.74 1.43 -0.26
CA ALA A 122 -10.31 2.50 -1.06
C ALA A 122 -10.72 2.03 -2.44
N GLU A 123 -10.06 1.01 -2.96
CA GLU A 123 -10.33 0.50 -4.31
C GLU A 123 -10.17 1.58 -5.38
N GLU A 124 -9.11 2.36 -5.25
CA GLU A 124 -8.71 3.29 -6.30
C GLU A 124 -7.23 3.11 -6.62
N MET A 125 -6.83 3.59 -7.79
CA MET A 125 -5.42 3.69 -8.15
C MET A 125 -4.69 4.63 -7.19
N VAL A 126 -3.35 4.54 -7.19
CA VAL A 126 -2.54 5.38 -6.31
C VAL A 126 -2.77 6.87 -6.63
N ILE A 127 -2.87 7.20 -7.93
CA ILE A 127 -2.98 8.59 -8.34
C ILE A 127 -4.34 9.18 -8.00
N ASP A 128 -5.33 8.34 -7.69
CA ASP A 128 -6.67 8.78 -7.31
C ASP A 128 -6.96 8.63 -5.82
N MET A 129 -6.07 8.03 -5.04
CA MET A 129 -6.44 7.65 -3.68
C MET A 129 -6.39 8.83 -2.72
N PRO A 130 -7.48 9.14 -2.03
CA PRO A 130 -7.41 10.13 -0.95
C PRO A 130 -6.46 9.64 0.13
N VAL A 131 -5.57 10.53 0.57
CA VAL A 131 -4.53 10.13 1.51
C VAL A 131 -5.14 9.61 2.81
N ASP A 132 -6.28 10.16 3.22
CA ASP A 132 -6.82 9.74 4.51
C ASP A 132 -7.57 8.42 4.41
N ALA A 133 -8.02 8.05 3.21
CA ALA A 133 -8.54 6.71 2.99
C ALA A 133 -7.42 5.68 3.07
N TRP A 134 -6.28 5.98 2.43
CA TRP A 134 -5.05 5.19 2.59
C TRP A 134 -4.72 5.00 4.07
N ARG A 135 -4.63 6.10 4.83
CA ARG A 135 -4.31 5.98 6.25
C ARG A 135 -5.30 5.10 7.00
N HIS A 136 -6.58 5.12 6.59
CA HIS A 136 -7.59 4.37 7.33
C HIS A 136 -7.44 2.86 7.13
N THR A 137 -7.25 2.43 5.89
CA THR A 137 -6.92 1.02 5.61
C THR A 137 -5.71 0.55 6.42
N LEU A 138 -4.65 1.35 6.48
CA LEU A 138 -3.44 0.92 7.17
C LEU A 138 -3.65 0.82 8.68
N ARG A 139 -4.49 1.68 9.24
CA ARG A 139 -4.77 1.55 10.67
C ARG A 139 -5.54 0.26 10.94
N ALA A 140 -6.52 -0.04 10.09
CA ALA A 140 -7.42 -1.15 10.29
C ALA A 140 -6.74 -2.50 10.01
N ASN A 141 -6.00 -2.58 8.91
CA ASN A 141 -5.42 -3.85 8.50
C ASN A 141 -4.03 -4.10 9.07
N LEU A 142 -3.30 -3.05 9.45
CA LEU A 142 -1.90 -3.18 9.85
C LEU A 142 -1.63 -2.65 11.23
N ILE A 143 -1.99 -1.38 11.52
CA ILE A 143 -1.56 -0.84 12.79
C ILE A 143 -2.32 -1.51 13.94
N SER A 144 -3.56 -1.93 13.68
CA SER A 144 -4.32 -2.67 14.68
C SER A 144 -3.53 -3.87 15.21
N ASN A 145 -2.82 -4.57 14.31
CA ASN A 145 -2.14 -5.82 14.66
C ASN A 145 -1.00 -5.59 15.63
N TYR A 146 -0.18 -4.56 15.39
CA TYR A 146 0.87 -4.25 16.37
C TYR A 146 0.25 -3.80 17.68
N ALA A 147 -0.78 -2.95 17.59
CA ALA A 147 -1.43 -2.42 18.78
C ALA A 147 -1.86 -3.54 19.72
N LEU A 148 -2.57 -4.54 19.20
CA LEU A 148 -3.00 -5.63 20.06
C LEU A 148 -1.81 -6.43 20.56
N LEU A 149 -0.86 -6.72 19.67
CA LEU A 149 0.34 -7.47 20.03
C LEU A 149 1.11 -6.76 21.14
N ARG A 150 1.33 -5.46 20.98
CA ARG A 150 2.13 -4.70 21.93
C ARG A 150 1.52 -4.71 23.33
N ARG A 151 0.18 -4.62 23.43
CA ARG A 151 -0.45 -4.65 24.75
C ARG A 151 -0.45 -6.05 25.35
N LEU A 152 -0.66 -7.08 24.54
CA LEU A 152 -0.70 -8.44 25.07
C LEU A 152 0.68 -9.05 25.27
N ALA A 153 1.70 -8.58 24.56
CA ALA A 153 3.01 -9.25 24.61
C ALA A 153 3.61 -9.40 26.00
N PRO A 154 3.48 -8.43 26.92
CA PRO A 154 4.06 -8.66 28.26
C PRO A 154 3.53 -9.89 28.97
N GLN A 155 2.21 -10.04 29.11
CA GLN A 155 1.68 -11.24 29.76
C GLN A 155 2.00 -12.49 28.95
N MET A 156 1.98 -12.37 27.63
CA MET A 156 2.26 -13.50 26.75
C MET A 156 3.69 -14.00 26.93
N LYS A 157 4.65 -13.07 26.99
CA LYS A 157 6.03 -13.46 27.30
C LYS A 157 6.12 -14.14 28.65
N ALA A 158 5.37 -13.62 29.63
CA ALA A 158 5.39 -14.19 30.98
C ALA A 158 4.92 -15.65 30.97
N ALA A 159 3.77 -15.92 30.33
CA ALA A 159 3.13 -17.23 30.43
C ALA A 159 3.69 -18.23 29.43
N GLY A 160 4.05 -17.77 28.24
CA GLY A 160 4.90 -18.55 27.37
C GLY A 160 4.22 -19.53 26.43
N GLY A 161 2.92 -19.67 26.45
CA GLY A 161 2.35 -20.61 25.50
C GLY A 161 1.69 -19.89 24.34
N ALA A 162 2.24 -18.73 23.99
CA ALA A 162 1.50 -17.68 23.31
C ALA A 162 1.73 -17.70 21.79
N TYR A 163 0.79 -17.08 21.08
CA TYR A 163 0.73 -17.12 19.63
C TYR A 163 0.11 -15.82 19.11
N VAL A 164 0.72 -15.21 18.09
CA VAL A 164 0.08 -14.15 17.33
C VAL A 164 -0.06 -14.62 15.90
N LEU A 165 -1.26 -14.46 15.34
CA LEU A 165 -1.54 -14.90 13.97
C LEU A 165 -2.14 -13.73 13.21
N ASN A 166 -1.41 -13.21 12.24
CA ASN A 166 -1.91 -12.15 11.38
C ASN A 166 -2.55 -12.77 10.15
N VAL A 167 -3.78 -12.40 9.83
CA VAL A 167 -4.43 -12.96 8.65
C VAL A 167 -4.10 -12.06 7.47
N SER A 168 -3.10 -12.48 6.70
CA SER A 168 -2.65 -11.74 5.54
C SER A 168 -3.32 -12.28 4.27
N SER A 169 -2.62 -12.18 3.14
CA SER A 169 -3.17 -12.51 1.83
C SER A 169 -2.01 -12.88 0.91
N TYR A 170 -2.32 -13.64 -0.14
CA TYR A 170 -1.31 -13.84 -1.17
C TYR A 170 -0.90 -12.52 -1.77
N PHE A 171 -1.84 -11.56 -1.84
CA PHE A 171 -1.54 -10.25 -2.42
C PHE A 171 -0.68 -9.40 -1.50
N GLY A 172 -0.40 -9.85 -0.27
CA GLY A 172 0.66 -9.24 0.50
C GLY A 172 2.04 -9.79 0.17
N GLY A 173 2.10 -10.69 -0.82
CA GLY A 173 3.35 -11.24 -1.28
C GLY A 173 3.88 -12.38 -0.42
N GLU A 174 5.13 -12.71 -0.72
CA GLU A 174 5.87 -13.80 -0.07
C GLU A 174 7.25 -13.27 0.20
N LYS A 175 8.04 -14.05 0.91
CA LYS A 175 9.39 -13.60 1.25
C LYS A 175 10.14 -13.11 0.00
N TYR A 176 10.69 -11.90 0.09
CA TYR A 176 11.48 -11.25 -0.96
C TYR A 176 10.76 -11.03 -2.27
N VAL A 177 9.45 -11.27 -2.32
CA VAL A 177 8.65 -11.16 -3.54
C VAL A 177 7.43 -10.31 -3.24
N ALA A 178 7.17 -9.33 -4.09
CA ALA A 178 5.96 -8.55 -4.00
C ALA A 178 5.04 -8.96 -5.15
N ILE A 179 3.75 -8.82 -4.93
CA ILE A 179 2.77 -9.18 -5.94
C ILE A 179 1.85 -7.97 -6.14
N PRO A 180 1.92 -7.31 -7.30
CA PRO A 180 1.09 -6.12 -7.50
C PRO A 180 -0.40 -6.48 -7.55
N TYR A 181 -1.20 -5.61 -6.94
CA TYR A 181 -2.66 -5.74 -6.90
C TYR A 181 -3.22 -4.40 -7.36
N PRO A 182 -3.29 -4.19 -8.67
CA PRO A 182 -3.76 -2.90 -9.20
C PRO A 182 -5.09 -2.44 -8.60
N ASN A 183 -5.14 -1.16 -8.26
CA ASN A 183 -6.27 -0.44 -7.65
C ASN A 183 -6.49 -0.83 -6.20
N ARG A 184 -5.55 -1.55 -5.57
CA ARG A 184 -5.72 -2.00 -4.20
C ARG A 184 -4.45 -1.78 -3.39
N SER A 185 -3.69 -0.73 -3.71
CA SER A 185 -2.37 -0.54 -3.11
C SER A 185 -2.45 -0.40 -1.61
N ASP A 186 -3.51 0.22 -1.08
CA ASP A 186 -3.61 0.31 0.37
C ASP A 186 -3.81 -1.07 0.98
N TYR A 187 -4.70 -1.86 0.38
CA TYR A 187 -4.95 -3.23 0.85
C TYR A 187 -3.66 -4.05 0.78
N ALA A 188 -2.97 -3.98 -0.36
CA ALA A 188 -1.75 -4.77 -0.56
C ALA A 188 -0.66 -4.38 0.45
N VAL A 189 -0.54 -3.08 0.75
CA VAL A 189 0.49 -2.63 1.66
C VAL A 189 0.20 -3.12 3.07
N SER A 190 -1.06 -3.13 3.46
CA SER A 190 -1.37 -3.58 4.82
C SER A 190 -1.19 -5.10 4.98
N LYS A 191 -1.49 -5.88 3.93
CA LYS A 191 -1.27 -7.33 3.97
C LYS A 191 0.22 -7.67 3.97
N ALA A 192 0.98 -7.01 3.09
CA ALA A 192 2.44 -7.14 3.11
C ALA A 192 2.98 -6.79 4.47
N GLY A 193 2.49 -5.68 5.04
CA GLY A 193 2.97 -5.26 6.34
C GLY A 193 2.68 -6.25 7.44
N GLN A 194 1.56 -6.97 7.34
CA GLN A 194 1.27 -8.02 8.32
C GLN A 194 2.29 -9.15 8.22
N ARG A 195 2.60 -9.58 6.99
CA ARG A 195 3.64 -10.58 6.84
C ARG A 195 4.98 -10.05 7.31
N ALA A 196 5.32 -8.81 6.93
CA ALA A 196 6.61 -8.22 7.28
C ALA A 196 6.78 -8.11 8.78
N MET A 197 5.70 -7.78 9.49
CA MET A 197 5.76 -7.75 10.94
C MET A 197 6.09 -9.12 11.51
N VAL A 198 5.48 -10.15 10.93
CA VAL A 198 5.73 -11.53 11.36
C VAL A 198 7.19 -11.90 11.11
N GLU A 199 7.71 -11.57 9.93
CA GLU A 199 9.11 -11.93 9.64
C GLU A 199 10.05 -11.18 10.56
N SER A 200 9.81 -9.89 10.78
CA SER A 200 10.78 -9.05 11.45
C SER A 200 10.78 -9.23 12.96
N LEU A 201 9.66 -9.59 13.56
CA LEU A 201 9.58 -9.65 15.01
C LEU A 201 9.83 -11.04 15.59
N ALA A 202 9.81 -12.08 14.75
CA ALA A 202 9.75 -13.45 15.25
C ALA A 202 10.92 -13.77 16.17
N ARG A 203 12.10 -13.22 15.86
CA ARG A 203 13.30 -13.55 16.67
C ARG A 203 13.24 -12.84 18.02
N PHE A 204 12.59 -11.68 18.08
CA PHE A 204 12.58 -10.91 19.32
C PHE A 204 11.49 -11.42 20.26
N LEU A 205 10.35 -11.80 19.70
CA LEU A 205 9.25 -12.35 20.50
C LEU A 205 9.45 -13.82 20.85
N GLY A 206 10.37 -14.54 20.20
CA GLY A 206 10.62 -15.91 20.56
C GLY A 206 11.52 -16.03 21.78
N PRO A 207 11.54 -17.21 22.43
CA PRO A 207 10.79 -18.40 22.03
C PRO A 207 9.39 -18.53 22.66
N GLU A 208 9.01 -17.57 23.51
CA GLU A 208 7.74 -17.68 24.24
C GLU A 208 6.52 -17.38 23.38
N ILE A 209 6.65 -16.46 22.43
CA ILE A 209 5.55 -16.09 21.54
C ILE A 209 5.91 -16.55 20.13
N GLN A 210 5.10 -17.45 19.58
CA GLN A 210 5.12 -17.69 18.14
C GLN A 210 4.33 -16.59 17.46
N ILE A 211 4.80 -16.17 16.29
CA ILE A 211 4.05 -15.23 15.46
C ILE A 211 4.16 -15.68 14.02
N ASN A 212 3.02 -15.86 13.36
CA ASN A 212 2.99 -16.29 11.97
C ASN A 212 1.88 -15.56 11.23
N ALA A 213 1.93 -15.63 9.91
CA ALA A 213 0.80 -15.18 9.13
C ALA A 213 0.17 -16.38 8.44
N ILE A 214 -1.13 -16.28 8.18
CA ILE A 214 -1.71 -17.11 7.14
C ILE A 214 -2.00 -16.19 5.96
N ALA A 215 -2.06 -16.78 4.79
CA ALA A 215 -2.28 -16.06 3.54
C ALA A 215 -3.11 -17.00 2.68
N PRO A 216 -4.41 -17.06 2.93
CA PRO A 216 -5.28 -17.86 2.08
C PRO A 216 -5.38 -17.27 0.68
N GLY A 217 -5.73 -18.12 -0.27
CA GLY A 217 -6.12 -17.66 -1.58
C GLY A 217 -7.54 -17.14 -1.55
N PRO A 218 -8.15 -16.97 -2.71
CA PRO A 218 -9.55 -16.55 -2.75
C PRO A 218 -10.46 -17.58 -2.10
N VAL A 219 -11.33 -17.09 -1.22
CA VAL A 219 -12.28 -17.91 -0.49
C VAL A 219 -13.69 -17.62 -1.03
N GLU A 220 -14.57 -18.60 -0.95
CA GLU A 220 -15.94 -18.34 -1.39
C GLU A 220 -16.80 -17.86 -0.23
N PRO A 231 -26.42 -5.86 -5.40
CA PRO A 231 -25.53 -6.45 -6.41
C PRO A 231 -24.30 -7.14 -5.81
N GLY A 232 -23.84 -8.22 -6.44
CA GLY A 232 -22.71 -8.99 -5.92
C GLY A 232 -21.39 -8.27 -6.10
N LEU A 233 -20.36 -8.80 -5.42
CA LEU A 233 -19.07 -8.10 -5.34
C LEU A 233 -18.48 -7.83 -6.72
N PHE A 234 -18.61 -8.77 -7.65
CA PHE A 234 -18.08 -8.53 -8.97
C PHE A 234 -18.81 -7.41 -9.69
N MET A 235 -20.05 -7.11 -9.26
CA MET A 235 -20.80 -6.02 -9.89
C MET A 235 -20.26 -4.66 -9.46
N ARG A 236 -20.08 -4.45 -8.14
CA ARG A 236 -19.48 -3.21 -7.69
C ARG A 236 -18.12 -3.00 -8.33
N ARG A 237 -17.28 -4.05 -8.30
CA ARG A 237 -15.93 -3.93 -8.85
C ARG A 237 -15.97 -3.69 -10.35
N ALA A 238 -16.90 -4.33 -11.07
CA ALA A 238 -17.05 -4.07 -12.49
C ALA A 238 -17.39 -2.60 -12.74
N ARG A 239 -18.27 -2.02 -11.91
CA ARG A 239 -18.65 -0.63 -12.13
C ARG A 239 -17.45 0.29 -11.96
N LEU A 240 -16.69 0.11 -10.87
CA LEU A 240 -15.46 0.87 -10.66
C LEU A 240 -14.52 0.76 -11.86
N ILE A 241 -14.44 -0.42 -12.47
CA ILE A 241 -13.53 -0.61 -13.60
C ILE A 241 -13.98 0.23 -14.79
N LEU A 242 -15.28 0.16 -15.11
CA LEU A 242 -15.82 0.96 -16.21
C LEU A 242 -15.65 2.46 -15.96
N GLU A 243 -15.90 2.90 -14.73
CA GLU A 243 -15.69 4.31 -14.40
C GLU A 243 -14.22 4.70 -14.56
N ASN A 244 -13.31 3.87 -14.02
CA ASN A 244 -11.89 4.14 -14.16
C ASN A 244 -11.47 4.17 -15.62
N LYS A 245 -11.96 3.24 -16.43
CA LYS A 245 -11.60 3.22 -17.84
C LYS A 245 -11.99 4.51 -18.54
N ARG A 246 -13.23 4.99 -18.30
CA ARG A 246 -13.69 6.22 -18.90
C ARG A 246 -12.83 7.40 -18.45
N LEU A 247 -12.60 7.52 -17.14
CA LEU A 247 -11.79 8.60 -16.59
C LEU A 247 -10.40 8.65 -17.21
N ASN A 248 -9.77 7.48 -17.41
CA ASN A 248 -8.42 7.42 -17.96
C ASN A 248 -8.40 7.84 -19.42
N GLU A 249 -9.40 7.43 -20.19
CA GLU A 249 -9.45 7.83 -21.61
C GLU A 249 -9.58 9.34 -21.76
N VAL A 250 -10.36 9.98 -20.89
CA VAL A 250 -10.51 11.42 -20.95
C VAL A 250 -9.23 12.12 -20.50
N PHE A 251 -8.66 11.69 -19.37
CA PHE A 251 -7.39 12.27 -18.92
C PHE A 251 -6.32 12.14 -20.00
N ALA A 252 -6.26 10.96 -20.64
CA ALA A 252 -5.24 10.74 -21.67
C ALA A 252 -5.42 11.70 -22.83
N ALA A 253 -6.66 11.79 -23.36
CA ALA A 253 -6.93 12.71 -24.46
C ALA A 253 -6.67 14.17 -24.06
N LEU A 254 -7.00 14.53 -22.81
CA LEU A 254 -6.69 15.88 -22.32
C LEU A 254 -5.19 16.16 -22.35
N LEU A 255 -4.36 15.19 -21.97
CA LEU A 255 -2.92 15.38 -21.99
C LEU A 255 -2.41 15.45 -23.42
N ALA A 256 -2.91 14.59 -24.30
CA ALA A 256 -2.51 14.61 -25.70
C ALA A 256 -2.94 15.89 -26.40
N ALA A 257 -3.98 16.56 -25.90
CA ALA A 257 -4.34 17.85 -26.49
C ALA A 257 -3.47 18.97 -25.91
N ARG A 258 -3.24 18.95 -24.59
CA ARG A 258 -2.32 19.88 -23.97
C ARG A 258 -0.92 19.75 -24.57
N HIS A 259 -0.58 18.55 -25.01
CA HIS A 259 0.72 18.33 -25.67
C HIS A 259 0.83 19.15 -26.95
N GLU A 260 -0.28 19.28 -27.69
CA GLU A 260 -0.29 19.98 -28.96
C GLU A 260 -0.58 21.47 -28.83
N GLY A 261 -0.55 22.00 -27.61
CA GLY A 261 -0.65 23.42 -27.38
C GLY A 261 -1.90 23.86 -26.67
N ALA A 262 -2.92 23.00 -26.58
CA ALA A 262 -4.15 23.39 -25.93
C ALA A 262 -3.91 23.74 -24.48
N THR A 263 -4.73 24.64 -23.94
CA THR A 263 -4.71 24.96 -22.52
C THR A 263 -5.88 24.25 -21.86
N ILE A 264 -5.57 23.35 -20.93
CA ILE A 264 -6.58 22.43 -20.40
C ILE A 264 -7.68 23.19 -19.69
N ALA A 265 -7.31 24.16 -18.85
CA ALA A 265 -8.31 24.90 -18.07
C ALA A 265 -9.31 25.63 -18.95
N ASP A 266 -8.95 25.90 -20.20
CA ASP A 266 -9.83 26.59 -21.13
C ASP A 266 -10.75 25.64 -21.90
N LEU A 267 -10.46 24.35 -21.90
CA LEU A 267 -11.32 23.37 -22.53
C LEU A 267 -12.43 22.89 -21.62
N LEU A 268 -12.39 23.27 -20.36
CA LEU A 268 -13.25 22.71 -19.32
C LEU A 268 -14.72 23.13 -19.45
N PRO A 269 -15.04 24.41 -19.73
CA PRO A 269 -16.46 24.75 -19.93
C PRO A 269 -17.11 23.95 -21.04
N ASP A 270 -16.47 23.87 -22.21
CA ASP A 270 -17.04 23.12 -23.32
C ASP A 270 -17.07 21.61 -23.02
N LEU A 271 -16.03 21.09 -22.37
CA LEU A 271 -15.99 19.66 -22.07
C LEU A 271 -17.09 19.29 -21.08
N PHE A 272 -17.21 20.06 -20.00
CA PHE A 272 -18.26 19.81 -19.02
C PHE A 272 -19.67 20.10 -19.55
N ALA A 273 -19.82 20.48 -20.82
CA ALA A 273 -21.12 20.39 -21.48
C ALA A 273 -21.59 18.95 -21.53
N ASN A 274 -20.65 18.00 -21.48
CA ASN A 274 -20.85 16.58 -21.24
C ASN A 274 -21.53 15.88 -22.42
N ASP A 275 -21.89 16.60 -23.47
CA ASP A 275 -22.56 15.98 -24.61
C ASP A 275 -21.53 15.39 -25.56
N ILE A 276 -21.66 14.10 -25.86
CA ILE A 276 -20.63 13.41 -26.62
C ILE A 276 -20.66 13.85 -28.08
N GLN A 277 -21.85 14.02 -28.67
CA GLN A 277 -21.90 14.46 -30.06
C GLN A 277 -21.48 15.92 -30.19
N SER A 278 -21.75 16.72 -29.15
CA SER A 278 -21.28 18.11 -29.13
C SER A 278 -19.75 18.17 -29.14
N ILE A 279 -19.10 17.36 -28.29
CA ILE A 279 -17.65 17.35 -28.19
C ILE A 279 -17.02 16.79 -29.47
N ALA A 280 -17.66 15.81 -30.08
CA ALA A 280 -17.07 15.15 -31.25
C ALA A 280 -17.09 16.05 -32.48
N ASN A 281 -18.04 16.98 -32.56
CA ASN A 281 -18.20 17.82 -33.74
C ASN A 281 -17.87 19.28 -33.48
N SER A 282 -17.36 19.60 -32.29
CA SER A 282 -16.93 20.96 -31.98
C SER A 282 -15.58 21.23 -32.64
N ALA A 283 -15.50 22.26 -33.46
CA ALA A 283 -14.21 22.73 -33.94
C ALA A 283 -13.40 23.36 -32.82
N ALA A 284 -14.07 23.81 -31.75
CA ALA A 284 -13.39 24.35 -30.58
C ALA A 284 -12.76 23.28 -29.70
N MET A 285 -12.95 22.00 -30.02
CA MET A 285 -12.33 20.90 -29.28
C MET A 285 -11.08 20.43 -30.02
N PRO A 286 -9.96 20.25 -29.32
CA PRO A 286 -8.77 19.69 -29.98
C PRO A 286 -9.06 18.29 -30.49
N ALA A 287 -8.36 17.94 -31.56
CA ALA A 287 -8.60 16.66 -32.21
C ALA A 287 -8.61 15.46 -31.26
N PRO A 288 -7.68 15.32 -30.29
CA PRO A 288 -7.75 14.13 -29.41
C PRO A 288 -9.10 13.91 -28.77
N LEU A 289 -9.70 14.96 -28.22
CA LEU A 289 -10.99 14.83 -27.56
C LEU A 289 -12.07 14.41 -28.55
N ARG A 290 -11.98 14.91 -29.79
CA ARG A 290 -12.99 14.56 -30.79
C ARG A 290 -12.90 13.09 -31.21
N ARG A 291 -11.68 12.56 -31.31
CA ARG A 291 -11.50 11.14 -31.71
C ARG A 291 -12.03 10.24 -30.59
N LEU A 292 -11.85 10.67 -29.34
CA LEU A 292 -12.33 9.89 -28.21
C LEU A 292 -13.85 9.87 -28.19
N ALA A 293 -14.47 11.03 -28.36
CA ALA A 293 -15.93 11.13 -28.36
C ALA A 293 -16.53 10.34 -29.51
N THR A 294 -15.89 10.39 -30.68
CA THR A 294 -16.35 9.57 -31.81
C THR A 294 -16.31 8.09 -31.46
N MET A 295 -15.18 7.60 -30.96
CA MET A 295 -15.08 6.19 -30.58
C MET A 295 -16.14 5.86 -29.53
N LEU A 296 -16.25 6.68 -28.49
CA LEU A 296 -17.23 6.42 -27.44
C LEU A 296 -18.64 6.25 -28.01
N ARG A 297 -19.08 7.22 -28.82
CA ARG A 297 -20.40 7.15 -29.43
C ARG A 297 -20.58 5.92 -30.28
N GLU A 298 -19.48 5.30 -30.74
CA GLU A 298 -19.54 4.15 -31.63
C GLU A 298 -19.42 2.81 -30.91
N THR A 299 -18.75 2.77 -29.76
CA THR A 299 -18.53 1.52 -29.05
C THR A 299 -19.45 1.32 -27.85
N SER A 300 -19.74 2.39 -27.09
CA SER A 300 -20.45 2.23 -25.83
C SER A 300 -21.92 1.85 -26.07
N ASP A 301 -22.45 1.05 -25.15
CA ASP A 301 -23.84 0.59 -25.27
C ASP A 301 -24.80 1.77 -25.38
N ALA A 302 -25.62 1.76 -26.44
CA ALA A 302 -26.52 2.87 -26.73
C ALA A 302 -27.67 2.97 -25.73
N GLY A 303 -28.08 1.84 -25.15
CA GLY A 303 -29.02 1.79 -24.05
C GLY A 303 -28.54 2.43 -22.77
N GLY A 304 -27.35 3.02 -22.77
CA GLY A 304 -26.86 3.75 -21.61
C GLY A 304 -26.54 5.18 -21.99
N SER A 305 -26.65 6.06 -21.00
CA SER A 305 -26.26 7.44 -21.21
C SER A 305 -24.75 7.59 -21.38
N ALA A 306 -23.96 6.56 -21.06
CA ALA A 306 -22.52 6.61 -21.28
C ALA A 306 -22.18 6.79 -22.75
N GLN A 307 -23.06 6.33 -23.65
CA GLN A 307 -22.88 6.53 -25.08
C GLN A 307 -23.23 7.95 -25.53
N SER A 308 -23.90 8.74 -24.70
CA SER A 308 -24.31 10.09 -25.07
C SER A 308 -23.71 11.16 -24.17
N TYR A 309 -23.40 10.84 -22.93
CA TYR A 309 -22.73 11.73 -22.01
C TYR A 309 -21.32 11.22 -21.72
N LEU A 310 -20.37 12.15 -21.64
CA LEU A 310 -18.98 11.76 -21.48
C LEU A 310 -18.72 11.19 -20.09
N MET A 311 -19.17 11.89 -19.06
CA MET A 311 -18.80 11.58 -17.68
C MET A 311 -20.02 11.64 -16.77
N ASN A 312 -20.01 10.84 -15.70
CA ASN A 312 -20.95 11.03 -14.60
C ASN A 312 -20.29 11.92 -13.55
N ALA A 313 -20.94 12.05 -12.40
CA ALA A 313 -20.43 12.98 -11.40
C ALA A 313 -19.11 12.49 -10.79
N THR A 314 -19.03 11.21 -10.46
CA THR A 314 -17.81 10.65 -9.88
C THR A 314 -16.62 10.83 -10.82
N ILE A 315 -16.77 10.42 -12.08
CA ILE A 315 -15.72 10.61 -13.07
C ILE A 315 -15.29 12.07 -13.11
N ALA A 316 -16.26 12.99 -13.09
CA ALA A 316 -15.97 14.42 -13.22
C ALA A 316 -15.14 14.94 -12.05
N ARG A 317 -15.58 14.66 -10.81
CA ARG A 317 -14.86 15.14 -9.65
C ARG A 317 -13.45 14.57 -9.60
N LYS A 318 -13.29 13.31 -10.01
CA LYS A 318 -11.98 12.68 -10.02
C LYS A 318 -11.11 13.23 -11.14
N LEU A 319 -11.71 13.51 -12.30
CA LEU A 319 -10.96 14.14 -13.39
C LEU A 319 -10.39 15.48 -12.95
N LEU A 320 -11.20 16.28 -12.27
CA LEU A 320 -10.73 17.57 -11.79
C LEU A 320 -9.66 17.40 -10.70
N ASN A 321 -9.78 16.35 -9.88
CA ASN A 321 -8.76 16.11 -8.86
C ASN A 321 -7.44 15.70 -9.50
N ARG A 322 -7.49 14.88 -10.54
CA ARG A 322 -6.25 14.54 -11.24
C ARG A 322 -5.62 15.79 -11.86
N LEU A 323 -6.44 16.71 -12.36
CA LEU A 323 -5.92 17.90 -13.04
C LEU A 323 -5.43 18.94 -12.05
N GLU A 324 -6.14 19.10 -10.93
CA GLU A 324 -5.70 20.05 -9.91
C GLU A 324 -4.43 19.58 -9.22
N ASN A 325 -4.35 18.29 -8.90
CA ASN A 325 -3.19 17.78 -8.18
C ASN A 325 -1.98 17.62 -9.09
N GLY A 326 -2.21 17.29 -10.35
CA GLY A 326 -1.13 17.26 -11.33
C GLY A 326 -0.59 18.63 -11.71
N GLY A 327 -1.18 19.71 -11.17
CA GLY A 327 -0.82 21.07 -11.49
C GLY A 327 -1.26 21.55 -12.86
N TYR A 328 -2.15 20.84 -13.53
CA TYR A 328 -2.60 21.28 -14.85
C TYR A 328 -3.62 22.42 -14.76
N ILE A 329 -4.45 22.45 -13.72
CA ILE A 329 -5.45 23.49 -13.52
C ILE A 329 -5.38 23.95 -12.08
N THR A 330 -6.11 25.02 -11.78
CA THR A 330 -6.18 25.57 -10.43
C THR A 330 -7.60 25.44 -9.89
N LEU A 331 -7.73 25.72 -8.59
CA LEU A 331 -9.01 25.59 -7.91
C LEU A 331 -10.12 26.40 -8.59
N HIS A 332 -9.77 27.55 -9.17
CA HIS A 332 -10.77 28.39 -9.81
C HIS A 332 -11.28 27.79 -11.11
N ASP A 333 -10.56 26.84 -11.69
CA ASP A 333 -10.98 26.21 -12.93
C ASP A 333 -11.96 25.06 -12.72
N ARG A 334 -12.30 24.76 -11.47
CA ARG A 334 -13.24 23.69 -11.19
C ARG A 334 -14.64 24.08 -11.67
N ARG A 335 -15.28 23.17 -12.40
CA ARG A 335 -16.61 23.36 -12.93
C ARG A 335 -17.47 22.16 -12.54
N ALA A 336 -18.70 22.41 -12.14
CA ALA A 336 -19.65 21.31 -11.99
C ALA A 336 -20.12 20.86 -13.36
N LEU A 337 -20.65 19.64 -13.42
CA LEU A 337 -21.20 19.14 -14.67
C LEU A 337 -22.43 19.97 -15.06
N THR A 338 -22.45 20.44 -16.31
CA THR A 338 -23.65 21.10 -16.82
C THR A 338 -24.87 20.20 -16.64
N VAL A 339 -24.78 18.96 -17.12
CA VAL A 339 -25.88 18.01 -17.08
C VAL A 339 -25.38 16.69 -16.49
N GLU A 340 -25.81 16.37 -15.26
CA GLU A 340 -25.57 15.07 -14.68
C GLU A 340 -26.35 14.02 -15.46
N PRO A 341 -25.71 13.00 -16.00
CA PRO A 341 -26.38 12.12 -16.98
C PRO A 341 -27.44 11.25 -16.32
N PRO A 342 -28.39 10.74 -17.10
CA PRO A 342 -29.50 9.97 -16.52
C PRO A 342 -29.17 8.49 -16.38
N GLU A 343 -29.43 7.92 -15.22
CA GLU A 343 -29.25 6.49 -15.04
C GLU A 343 -30.20 5.74 -15.98
N PRO A 344 -29.76 4.63 -16.58
CA PRO A 344 -28.45 3.99 -16.39
C PRO A 344 -27.30 4.58 -17.22
N PHE A 345 -26.21 4.93 -16.55
CA PHE A 345 -25.01 5.38 -17.26
C PHE A 345 -24.40 4.22 -18.03
N PHE A 346 -23.80 3.28 -17.30
CA PHE A 346 -23.41 2.00 -17.89
C PHE A 346 -24.59 1.05 -17.76
N THR A 347 -24.92 0.36 -18.86
CA THR A 347 -26.06 -0.54 -18.81
C THR A 347 -25.72 -1.75 -17.95
N GLU A 348 -26.77 -2.49 -17.57
CA GLU A 348 -26.56 -3.72 -16.84
C GLU A 348 -25.73 -4.71 -17.66
N ALA A 349 -25.89 -4.71 -18.99
CA ALA A 349 -25.15 -5.64 -19.84
C ALA A 349 -23.65 -5.36 -19.80
N GLN A 350 -23.27 -4.08 -19.93
CA GLN A 350 -21.86 -3.71 -19.81
C GLN A 350 -21.29 -4.12 -18.47
N ILE A 351 -22.01 -3.83 -17.37
CA ILE A 351 -21.52 -4.17 -16.04
C ILE A 351 -21.35 -5.66 -15.89
N GLU A 352 -22.29 -6.45 -16.43
CA GLU A 352 -22.18 -7.90 -16.33
C GLU A 352 -21.04 -8.45 -17.16
N ARG A 353 -20.86 -7.95 -18.39
CA ARG A 353 -19.72 -8.36 -19.20
C ARG A 353 -18.43 -8.21 -18.42
N GLU A 354 -18.26 -7.06 -17.76
CA GLU A 354 -17.03 -6.79 -17.04
C GLU A 354 -16.92 -7.61 -15.76
N ALA A 355 -18.03 -7.87 -15.08
CA ALA A 355 -17.97 -8.64 -13.84
C ALA A 355 -17.63 -10.11 -14.11
N ILE A 356 -18.14 -10.66 -15.22
CA ILE A 356 -17.77 -12.01 -15.63
C ILE A 356 -16.27 -12.08 -15.95
N LYS A 357 -15.71 -11.01 -16.50
CA LYS A 357 -14.28 -11.00 -16.75
C LYS A 357 -13.50 -10.95 -15.43
N VAL A 358 -13.98 -10.16 -14.46
CA VAL A 358 -13.37 -10.15 -13.14
C VAL A 358 -13.37 -11.56 -12.56
N ARG A 359 -14.56 -12.15 -12.48
CA ARG A 359 -14.73 -13.48 -11.90
C ARG A 359 -13.83 -14.51 -12.57
N ASP A 360 -13.80 -14.50 -13.90
CA ASP A 360 -12.99 -15.48 -14.63
C ASP A 360 -11.51 -15.30 -14.34
N GLY A 361 -11.06 -14.04 -14.27
CA GLY A 361 -9.69 -13.80 -13.86
C GLY A 361 -9.35 -14.50 -12.56
N ILE A 362 -10.17 -14.27 -11.52
CA ILE A 362 -9.89 -14.86 -10.22
C ILE A 362 -9.93 -16.38 -10.31
N LEU A 363 -10.99 -16.94 -10.89
CA LEU A 363 -11.14 -18.39 -10.95
C LEU A 363 -9.98 -19.04 -11.70
N GLY A 364 -9.57 -18.44 -12.82
CA GLY A 364 -8.46 -18.96 -13.61
C GLY A 364 -7.12 -18.93 -12.92
N MET A 365 -7.00 -18.19 -11.83
CA MET A 365 -5.75 -18.20 -11.09
C MET A 365 -5.46 -19.54 -10.45
N LEU A 366 -6.50 -20.33 -10.21
CA LEU A 366 -6.43 -21.40 -9.23
C LEU A 366 -6.08 -22.73 -9.86
N HIS A 367 -5.05 -23.36 -9.30
CA HIS A 367 -4.58 -24.66 -9.84
C HIS A 367 -5.65 -25.74 -9.63
N LEU A 368 -6.36 -25.72 -8.49
CA LEU A 368 -7.37 -26.73 -8.20
C LEU A 368 -8.72 -26.45 -8.85
N GLN A 369 -8.89 -25.29 -9.50
CA GLN A 369 -10.10 -24.88 -10.21
C GLN A 369 -11.33 -24.83 -9.29
N ARG A 370 -11.12 -24.84 -7.98
CA ARG A 370 -12.18 -24.71 -7.00
C ARG A 370 -11.69 -23.81 -5.89
N MET A 371 -12.62 -23.30 -5.13
CA MET A 371 -12.23 -22.44 -4.04
C MET A 371 -12.50 -23.14 -2.72
N PRO A 372 -11.69 -22.88 -1.71
CA PRO A 372 -12.05 -23.31 -0.35
C PRO A 372 -13.29 -22.58 0.17
N THR A 373 -13.93 -23.19 1.17
CA THR A 373 -14.89 -22.44 1.96
C THR A 373 -14.18 -21.81 3.15
N GLU A 374 -14.90 -20.93 3.83
CA GLU A 374 -14.35 -20.30 5.02
C GLU A 374 -14.08 -21.34 6.08
N PHE A 375 -14.94 -22.36 6.16
CA PHE A 375 -14.69 -23.46 7.10
C PHE A 375 -13.38 -24.19 6.77
N ASP A 376 -13.11 -24.44 5.48
CA ASP A 376 -11.89 -25.16 5.07
C ASP A 376 -10.64 -24.44 5.55
N VAL A 377 -10.56 -23.14 5.25
CA VAL A 377 -9.46 -22.29 5.67
C VAL A 377 -9.33 -22.30 7.18
N ALA A 378 -10.46 -22.11 7.87
CA ALA A 378 -10.44 -22.13 9.32
C ALA A 378 -9.92 -23.47 9.85
N LEU A 379 -10.39 -24.57 9.26
CA LEU A 379 -9.98 -25.88 9.78
C LEU A 379 -8.46 -26.05 9.69
N ALA A 380 -7.89 -25.87 8.49
CA ALA A 380 -6.44 -25.95 8.33
C ALA A 380 -5.73 -25.01 9.28
N THR A 381 -6.26 -23.79 9.44
CA THR A 381 -5.63 -22.82 10.33
C THR A 381 -5.61 -23.31 11.77
N VAL A 382 -6.71 -23.87 12.23
CA VAL A 382 -6.80 -24.29 13.62
C VAL A 382 -5.86 -25.47 13.88
N PHE A 383 -5.73 -26.40 12.91
CA PHE A 383 -4.68 -27.43 13.03
C PHE A 383 -3.30 -26.79 13.05
N TYR A 384 -3.06 -25.85 12.14
CA TYR A 384 -1.76 -25.21 12.06
C TYR A 384 -1.36 -24.59 13.41
N LEU A 385 -2.33 -23.96 14.09
CA LEU A 385 -2.09 -23.31 15.38
C LEU A 385 -1.61 -24.27 16.46
N ALA A 386 -1.64 -25.56 16.21
CA ALA A 386 -1.27 -26.53 17.23
C ALA A 386 0.21 -26.90 17.15
N ASP A 387 0.83 -26.50 16.03
CA ASP A 387 2.28 -26.73 15.83
C ASP A 387 3.04 -25.69 16.65
N ARG A 388 4.00 -26.13 17.44
CA ARG A 388 4.76 -25.27 18.34
C ARG A 388 6.19 -25.00 17.88
N ASN A 389 6.59 -25.41 16.68
CA ASN A 389 8.00 -25.31 16.31
C ASN A 389 8.21 -24.49 15.05
N VAL A 390 7.31 -23.54 14.79
CA VAL A 390 7.41 -22.73 13.59
C VAL A 390 7.04 -21.30 13.94
N THR A 391 7.78 -20.35 13.39
CA THR A 391 7.57 -18.94 13.71
C THR A 391 8.19 -18.10 12.62
N GLY A 392 7.62 -16.91 12.42
CA GLY A 392 8.03 -16.06 11.33
C GLY A 392 7.70 -16.58 9.95
N GLU A 393 6.73 -17.50 9.82
CA GLU A 393 6.40 -18.03 8.51
C GLU A 393 5.03 -17.54 8.04
N THR A 394 4.78 -17.77 6.76
CA THR A 394 3.50 -17.48 6.12
C THR A 394 2.94 -18.79 5.58
N PHE A 395 1.91 -19.31 6.25
CA PHE A 395 1.27 -20.56 5.89
C PHE A 395 0.14 -20.27 4.91
N HIS A 396 0.05 -21.08 3.86
CA HIS A 396 -1.06 -20.96 2.93
C HIS A 396 -2.05 -22.08 3.22
N PRO A 397 -3.16 -21.84 3.93
CA PRO A 397 -4.14 -22.91 4.15
C PRO A 397 -4.97 -23.19 2.90
N SER A 398 -5.07 -22.23 1.99
CA SER A 398 -5.66 -22.32 0.67
C SER A 398 -4.57 -21.85 -0.28
N GLY A 399 -4.52 -22.39 -1.49
CA GLY A 399 -3.31 -22.09 -2.23
C GLY A 399 -3.24 -22.74 -3.58
N GLY A 400 -2.16 -22.43 -4.25
CA GLY A 400 -2.11 -22.78 -5.62
C GLY A 400 -2.58 -21.73 -6.60
N LEU A 401 -1.80 -20.68 -6.81
CA LEU A 401 -2.20 -19.56 -7.65
C LEU A 401 -1.12 -19.15 -8.65
N ARG A 402 -1.55 -18.84 -9.86
CA ARG A 402 -0.72 -18.25 -10.88
C ARG A 402 -1.04 -16.77 -10.98
N PHE A 403 -0.03 -15.93 -10.88
CA PHE A 403 -0.20 -14.49 -10.89
C PHE A 403 0.24 -13.89 -12.21
N GLU A 404 -0.50 -12.87 -12.65
CA GLU A 404 -0.12 -12.06 -13.82
C GLU A 404 1.33 -11.57 -13.73
N ARG A 405 1.77 -11.20 -12.53
CA ARG A 405 3.07 -10.55 -12.37
C ARG A 405 3.51 -10.69 -10.92
N THR A 406 4.78 -11.08 -10.73
CA THR A 406 5.45 -11.08 -9.45
C THR A 406 6.76 -10.33 -9.63
N VAL A 407 7.19 -9.63 -8.58
CA VAL A 407 8.40 -8.83 -8.64
C VAL A 407 9.31 -9.21 -7.49
N THR A 408 10.46 -9.81 -7.80
CA THR A 408 11.43 -10.11 -6.76
C THR A 408 12.24 -8.87 -6.40
N GLU A 409 12.47 -8.70 -5.11
CA GLU A 409 13.44 -7.74 -4.64
C GLU A 409 14.82 -8.19 -5.11
N GLY A 410 15.72 -7.22 -5.27
CA GLY A 410 17.01 -7.56 -5.84
C GLY A 410 18.13 -6.65 -5.39
N GLU A 411 19.29 -6.87 -5.99
CA GLU A 411 20.53 -6.18 -5.74
C GLU A 411 21.04 -5.53 -7.02
N LEU A 412 21.58 -4.31 -6.90
CA LEU A 412 22.06 -3.58 -8.07
C LEU A 412 23.21 -4.32 -8.71
N PHE A 413 23.03 -4.65 -9.99
CA PHE A 413 24.02 -5.38 -10.77
C PHE A 413 24.08 -4.71 -12.13
N GLY A 414 25.17 -3.99 -12.39
CA GLY A 414 25.30 -3.20 -13.60
C GLY A 414 25.15 -1.71 -13.34
N LYS A 415 25.22 -0.97 -14.42
CA LYS A 415 25.20 0.50 -14.40
C LYS A 415 24.27 0.95 -15.51
N PRO A 416 23.74 2.19 -15.41
CA PRO A 416 22.82 2.67 -16.44
C PRO A 416 23.57 3.01 -17.72
N GLY A 417 22.85 2.90 -18.83
CA GLY A 417 23.45 3.19 -20.12
C GLY A 417 23.66 4.68 -20.28
N GLN A 418 24.77 5.05 -20.93
CA GLN A 418 25.09 6.45 -21.10
C GLN A 418 23.98 7.21 -21.81
N GLN A 419 23.43 6.62 -22.89
CA GLN A 419 22.40 7.30 -23.67
C GLN A 419 21.25 7.75 -22.79
N ARG A 420 20.73 6.84 -21.95
CA ARG A 420 19.62 7.21 -21.10
C ARG A 420 19.97 8.38 -20.19
N LEU A 421 21.19 8.37 -19.63
CA LEU A 421 21.58 9.46 -18.74
C LEU A 421 21.67 10.79 -19.47
N GLU A 422 22.09 10.77 -20.74
CA GLU A 422 22.15 12.00 -21.52
C GLU A 422 20.77 12.62 -21.68
N ARG A 423 19.74 11.79 -21.76
CA ARG A 423 18.37 12.30 -21.80
C ARG A 423 18.01 13.09 -20.55
N LEU A 424 18.82 13.01 -19.50
CA LEU A 424 18.56 13.81 -18.30
C LEU A 424 19.15 15.22 -18.37
N LYS A 425 20.00 15.50 -19.37
CA LYS A 425 20.54 16.85 -19.54
C LYS A 425 19.41 17.86 -19.66
N GLY A 426 19.46 18.90 -18.82
CA GLY A 426 18.47 19.98 -18.87
C GLY A 426 17.17 19.72 -18.13
N SER A 427 16.99 18.55 -17.53
CA SER A 427 15.78 18.27 -16.76
C SER A 427 15.81 18.98 -15.41
N VAL A 428 14.68 18.96 -14.73
CA VAL A 428 14.56 19.48 -13.38
C VAL A 428 14.43 18.30 -12.43
N VAL A 429 15.13 18.35 -11.32
CA VAL A 429 15.16 17.27 -10.34
C VAL A 429 14.47 17.75 -9.08
N TYR A 430 13.58 16.92 -8.52
CA TYR A 430 13.03 17.15 -7.19
C TYR A 430 13.63 16.16 -6.21
N LEU A 431 14.27 16.67 -5.15
CA LEU A 431 14.74 15.85 -4.04
C LEU A 431 13.85 16.12 -2.85
N ILE A 432 13.46 15.06 -2.14
CA ILE A 432 12.66 15.19 -0.92
C ILE A 432 13.45 14.49 0.17
N GLY A 433 13.78 15.20 1.22
CA GLY A 433 14.51 14.58 2.32
C GLY A 433 14.75 15.55 3.44
N GLU A 434 15.47 15.06 4.44
CA GLU A 434 15.84 15.89 5.58
C GLU A 434 17.10 15.41 6.27
N HIS A 435 17.08 14.21 6.84
CA HIS A 435 18.17 13.82 7.72
C HIS A 435 19.32 13.15 6.99
N LEU A 436 19.11 12.69 5.76
CA LEU A 436 20.18 12.02 5.00
C LEU A 436 20.95 13.06 4.18
N ARG A 437 21.68 13.91 4.91
CA ARG A 437 22.33 15.06 4.28
C ARG A 437 23.37 14.63 3.27
N GLN A 438 24.27 13.73 3.67
CA GLN A 438 25.33 13.29 2.78
C GLN A 438 24.77 12.69 1.50
N HIS A 439 23.69 11.92 1.61
CA HIS A 439 23.07 11.34 0.41
C HIS A 439 22.44 12.41 -0.45
N LEU A 440 21.70 13.34 0.16
CA LEU A 440 21.03 14.39 -0.61
C LEU A 440 22.06 15.30 -1.31
N VAL A 441 23.10 15.71 -0.58
CA VAL A 441 24.10 16.60 -1.18
C VAL A 441 24.81 15.89 -2.33
N LEU A 442 25.23 14.63 -2.11
CA LEU A 442 25.88 13.87 -3.17
C LEU A 442 24.99 13.72 -4.39
N LEU A 443 23.69 13.48 -4.17
CA LEU A 443 22.76 13.40 -5.29
C LEU A 443 22.74 14.70 -6.08
N ALA A 444 22.58 15.82 -5.36
CA ALA A 444 22.52 17.14 -5.99
C ALA A 444 23.80 17.44 -6.78
N ARG A 445 24.96 17.27 -6.13
CA ARG A 445 26.24 17.50 -6.82
C ARG A 445 26.37 16.63 -8.06
N THR A 446 25.93 15.37 -7.97
CA THR A 446 26.03 14.47 -9.11
C THR A 446 25.12 14.93 -10.24
N PHE A 447 23.87 15.28 -9.94
CA PHE A 447 22.93 15.69 -10.98
C PHE A 447 23.40 16.98 -11.66
N LEU A 448 23.95 17.92 -10.90
CA LEU A 448 24.37 19.19 -11.48
C LEU A 448 25.70 19.07 -12.22
N ASP A 449 26.71 18.43 -11.59
CA ASP A 449 28.08 18.42 -12.14
C ASP A 449 28.30 17.37 -13.21
N GLU A 450 27.70 16.18 -13.08
CA GLU A 450 27.98 15.10 -14.02
C GLU A 450 26.83 14.72 -14.93
N ILE A 451 25.58 15.00 -14.53
CA ILE A 451 24.44 14.72 -15.38
C ILE A 451 23.97 15.96 -16.13
N HIS A 452 24.36 17.15 -15.67
CA HIS A 452 24.07 18.42 -16.34
C HIS A 452 22.56 18.68 -16.40
N VAL A 453 21.92 18.57 -15.24
CA VAL A 453 20.52 18.89 -15.17
C VAL A 453 20.35 20.41 -15.14
N ALA A 454 19.16 20.87 -15.51
CA ALA A 454 18.85 22.29 -15.38
C ALA A 454 19.00 22.76 -13.93
N ARG A 455 18.25 22.14 -13.01
CA ARG A 455 18.37 22.53 -11.61
C ARG A 455 17.83 21.44 -10.69
N VAL A 456 18.26 21.49 -9.44
CA VAL A 456 17.84 20.58 -8.40
C VAL A 456 17.04 21.35 -7.35
N VAL A 457 15.78 20.96 -7.18
CA VAL A 457 14.92 21.50 -6.12
C VAL A 457 14.93 20.52 -4.96
N LEU A 458 15.24 20.99 -3.77
CA LEU A 458 15.22 20.14 -2.59
C LEU A 458 14.08 20.58 -1.68
N LEU A 459 13.19 19.63 -1.35
CA LEU A 459 12.06 19.88 -0.46
C LEU A 459 12.34 19.23 0.87
N THR A 460 12.58 20.05 1.89
CA THR A 460 12.85 19.58 3.23
C THR A 460 11.62 19.69 4.12
N GLU A 461 11.76 19.14 5.33
CA GLU A 461 10.72 19.31 6.36
C GLU A 461 10.96 20.64 7.07
N THR A 462 12.06 20.75 7.81
CA THR A 462 12.31 21.95 8.60
C THR A 462 13.06 23.03 7.80
N THR A 463 12.86 24.28 8.22
CA THR A 463 13.57 25.42 7.64
C THR A 463 15.07 25.34 7.88
N GLN A 464 15.47 24.89 9.07
CA GLN A 464 16.90 24.83 9.40
C GLN A 464 17.66 23.97 8.40
N ALA A 465 17.18 22.74 8.18
CA ALA A 465 17.80 21.86 7.19
C ALA A 465 17.87 22.55 5.82
N ALA A 466 16.82 23.29 5.46
CA ALA A 466 16.85 24.04 4.20
C ALA A 466 18.03 24.99 4.17
N THR A 467 18.26 25.71 5.27
CA THR A 467 19.34 26.70 5.31
C THR A 467 20.71 26.03 5.31
N ASP A 468 20.87 24.95 6.09
CA ASP A 468 22.17 24.27 6.12
C ASP A 468 22.56 23.72 4.75
N LEU A 469 21.62 23.11 4.04
CA LEU A 469 21.95 22.52 2.76
C LEU A 469 22.12 23.57 1.68
N ALA A 470 21.33 24.65 1.75
CA ALA A 470 21.56 25.80 0.88
C ALA A 470 22.94 26.41 1.11
N ALA A 471 23.50 26.22 2.32
CA ALA A 471 24.83 26.74 2.62
C ALA A 471 25.92 25.84 2.04
N GLU A 472 25.82 24.53 2.25
CA GLU A 472 26.82 23.60 1.74
C GLU A 472 26.90 23.59 0.21
N LEU A 473 25.89 24.14 -0.46
CA LEU A 473 25.89 24.25 -1.91
C LEU A 473 25.60 25.69 -2.32
N SER A 474 26.17 26.65 -1.59
CA SER A 474 25.80 28.05 -1.81
C SER A 474 26.14 28.51 -3.22
N ASP A 475 27.17 27.92 -3.82
CA ASP A 475 27.54 28.30 -5.19
C ASP A 475 26.40 28.02 -6.18
N TYR A 476 25.93 26.75 -6.25
CA TYR A 476 24.83 26.43 -7.15
C TYR A 476 23.58 27.23 -6.83
N GLU A 477 23.40 27.59 -5.55
CA GLU A 477 22.22 28.36 -5.14
C GLU A 477 22.25 29.76 -5.71
N ALA A 478 23.40 30.42 -5.62
CA ALA A 478 23.56 31.75 -6.20
C ALA A 478 23.30 31.73 -7.70
N ALA A 479 23.65 30.64 -8.39
CA ALA A 479 23.45 30.53 -9.83
C ALA A 479 22.03 30.13 -10.21
N GLY A 480 21.16 29.86 -9.24
CA GLY A 480 19.82 29.38 -9.50
C GLY A 480 19.71 27.92 -9.90
N ARG A 481 20.79 27.14 -9.82
CA ARG A 481 20.77 25.73 -10.18
C ARG A 481 20.39 24.82 -9.01
N PHE A 482 20.34 25.34 -7.79
CA PHE A 482 19.88 24.63 -6.62
C PHE A 482 18.85 25.48 -5.90
N VAL A 483 17.70 24.89 -5.59
CA VAL A 483 16.65 25.55 -4.83
C VAL A 483 16.32 24.68 -3.63
N VAL A 484 15.98 25.32 -2.51
CA VAL A 484 15.51 24.63 -1.33
C VAL A 484 14.13 25.17 -0.99
N ILE A 485 13.25 24.29 -0.50
CA ILE A 485 11.88 24.63 -0.13
C ILE A 485 11.55 23.89 1.16
N PRO A 486 11.42 24.56 2.30
CA PRO A 486 10.98 23.87 3.51
C PRO A 486 9.47 23.69 3.46
N THR A 487 9.03 22.45 3.68
CA THR A 487 7.62 22.11 3.60
C THR A 487 6.94 22.10 4.96
N CYS A 488 7.70 22.01 6.04
CA CYS A 488 7.13 21.79 7.37
C CYS A 488 6.12 20.63 7.33
N GLY A 489 6.46 19.58 6.59
CA GLY A 489 5.60 18.41 6.47
C GLY A 489 4.57 18.47 5.35
N ASP A 490 4.38 19.61 4.71
CA ASP A 490 3.35 19.73 3.66
C ASP A 490 3.99 19.35 2.34
N ILE A 491 3.97 18.05 2.06
CA ILE A 491 4.61 17.52 0.85
C ILE A 491 3.85 17.97 -0.39
N GLU A 492 2.52 17.86 -0.35
CA GLU A 492 1.70 18.24 -1.50
C GLU A 492 1.89 19.71 -1.86
N GLY A 493 1.97 20.58 -0.84
CA GLY A 493 2.16 22.00 -1.10
C GLY A 493 3.50 22.33 -1.72
N GLY A 494 4.57 21.69 -1.21
CA GLY A 494 5.90 21.94 -1.75
C GLY A 494 6.02 21.58 -3.22
N ILE A 495 5.42 20.45 -3.61
CA ILE A 495 5.47 20.03 -5.00
C ILE A 495 4.72 21.01 -5.89
N ASP A 496 3.58 21.52 -5.39
CA ASP A 496 2.82 22.55 -6.11
C ASP A 496 3.64 23.83 -6.25
N ARG A 497 4.27 24.25 -5.15
CA ARG A 497 5.13 25.46 -5.19
C ARG A 497 6.25 25.25 -6.21
N ALA A 498 7.02 24.17 -6.06
CA ALA A 498 8.12 23.89 -6.98
C ALA A 498 7.64 23.85 -8.42
N MET A 499 6.53 23.17 -8.70
CA MET A 499 5.97 23.15 -10.04
C MET A 499 5.60 24.56 -10.52
N ALA A 500 5.08 25.38 -9.61
CA ALA A 500 4.63 26.71 -9.98
C ALA A 500 5.78 27.58 -10.51
N GLU A 501 6.93 27.55 -9.85
CA GLU A 501 7.99 28.51 -10.25
C GLU A 501 9.32 27.88 -10.66
N TYR A 502 9.70 26.73 -10.10
CA TYR A 502 11.04 26.22 -10.36
C TYR A 502 11.09 25.14 -11.43
N GLY A 503 10.00 24.88 -12.12
CA GLY A 503 10.04 23.96 -13.25
C GLY A 503 9.38 22.63 -12.93
N ARG A 504 8.87 21.97 -13.98
CA ARG A 504 8.17 20.70 -13.83
C ARG A 504 9.16 19.53 -13.86
N PRO A 505 8.97 18.52 -13.02
CA PRO A 505 10.02 17.53 -12.80
C PRO A 505 10.08 16.44 -13.86
N GLY A 506 11.29 15.93 -14.04
CA GLY A 506 11.51 14.59 -14.48
C GLY A 506 11.79 13.74 -13.25
N PRO A 507 13.05 13.63 -12.85
CA PRO A 507 13.40 12.80 -11.68
C PRO A 507 12.83 13.37 -10.40
N VAL A 508 12.11 12.52 -9.67
CA VAL A 508 11.64 12.82 -8.33
C VAL A 508 12.15 11.71 -7.43
N ILE A 509 12.89 12.08 -6.38
CA ILE A 509 13.50 11.12 -5.46
C ILE A 509 13.05 11.45 -4.06
N SER A 510 12.26 10.55 -3.47
CA SER A 510 11.73 10.72 -2.12
C SER A 510 12.60 9.95 -1.14
N THR A 511 13.18 10.65 -0.18
CA THR A 511 13.82 10.00 0.96
C THR A 511 13.07 10.39 2.22
N PRO A 512 13.21 9.64 3.32
CA PRO A 512 12.41 9.94 4.51
C PRO A 512 12.91 11.16 5.24
N PHE A 513 11.96 11.98 5.71
CA PHE A 513 12.30 13.08 6.61
C PHE A 513 12.97 12.58 7.89
N ARG A 514 12.54 11.43 8.39
CA ARG A 514 12.89 10.98 9.72
C ARG A 514 13.75 9.71 9.68
N PRO A 515 14.57 9.48 10.70
CA PRO A 515 15.30 8.22 10.79
C PRO A 515 14.44 7.14 11.42
N LEU A 516 14.94 5.91 11.35
CA LEU A 516 14.26 4.80 12.00
C LEU A 516 14.29 4.98 13.52
N PRO A 517 13.28 4.48 14.23
CA PRO A 517 13.30 4.56 15.70
C PRO A 517 14.39 3.70 16.27
N ASP A 518 15.06 4.21 17.31
CA ASP A 518 16.04 3.43 18.07
C ASP A 518 15.37 2.91 19.34
N ARG A 519 14.59 1.84 19.17
CA ARG A 519 13.79 1.25 20.24
C ARG A 519 13.97 -0.26 20.21
N ALA A 520 13.83 -0.89 21.38
CA ALA A 520 13.85 -2.34 21.46
C ALA A 520 12.58 -2.93 20.84
N LEU A 521 12.61 -4.25 20.60
CA LEU A 521 11.46 -4.95 20.07
C LEU A 521 10.92 -6.02 21.02
N SER A 522 11.64 -6.33 22.07
CA SER A 522 11.19 -7.31 23.02
C SER A 522 11.73 -6.93 24.39
N ALA A 523 11.23 -7.59 25.42
CA ALA A 523 11.60 -7.23 26.79
C ALA A 523 13.00 -7.72 27.14
N ARG A 524 13.73 -6.86 27.86
CA ARG A 524 14.85 -7.28 28.68
C ARG A 524 14.27 -7.70 30.03
N ASN A 525 14.21 -9.01 30.26
CA ASN A 525 13.57 -9.62 31.44
C ASN A 525 12.08 -9.28 31.37
N GLY A 526 11.51 -8.59 32.36
CA GLY A 526 10.11 -8.23 32.33
C GLY A 526 9.86 -6.73 32.20
N ASP A 527 10.87 -6.00 31.75
CA ASP A 527 10.79 -4.57 31.53
C ASP A 527 10.47 -4.29 30.08
N TRP A 528 9.38 -3.56 29.85
CA TRP A 528 8.90 -3.27 28.50
C TRP A 528 8.88 -1.79 28.19
N SER A 529 9.40 -0.94 29.08
CA SER A 529 9.35 0.51 28.87
C SER A 529 10.10 0.91 27.61
N SER A 530 11.09 0.12 27.21
CA SER A 530 11.97 0.39 26.09
C SER A 530 11.47 -0.15 24.75
N VAL A 531 10.43 -0.97 24.73
CA VAL A 531 9.97 -1.58 23.49
C VAL A 531 9.15 -0.56 22.70
N LEU A 532 9.33 -0.59 21.38
CA LEU A 532 8.60 0.29 20.48
C LEU A 532 7.11 0.34 20.82
N THR A 533 6.59 1.55 21.00
CA THR A 533 5.19 1.69 21.39
C THR A 533 4.29 1.68 20.16
N THR A 534 3.00 1.47 20.42
CA THR A 534 2.01 1.50 19.35
C THR A 534 2.06 2.82 18.60
N ALA A 535 2.17 3.93 19.34
CA ALA A 535 2.24 5.25 18.70
C ALA A 535 3.48 5.38 17.83
N GLU A 536 4.61 4.87 18.32
CA GLU A 536 5.85 4.90 17.55
C GLU A 536 5.75 4.05 16.30
N PHE A 537 5.14 2.87 16.40
CA PHE A 537 4.92 2.06 15.21
C PHE A 537 4.04 2.79 14.21
N GLU A 538 2.98 3.45 14.69
CA GLU A 538 2.16 4.31 13.85
C GLU A 538 2.99 5.37 13.14
N GLU A 539 3.86 6.06 13.89
CA GLU A 539 4.73 7.08 13.29
C GLU A 539 5.66 6.48 12.25
N LEU A 540 6.22 5.30 12.54
CA LEU A 540 7.06 4.61 11.56
C LEU A 540 6.32 4.39 10.25
N VAL A 541 5.10 3.87 10.32
CA VAL A 541 4.34 3.65 9.08
C VAL A 541 4.08 4.99 8.37
N GLU A 542 3.78 6.03 9.14
CA GLU A 542 3.54 7.35 8.54
C GLU A 542 4.77 7.85 7.79
N GLN A 543 5.92 7.87 8.46
CA GLN A 543 7.14 8.47 7.94
C GLN A 543 7.94 7.57 7.01
N GLN A 544 7.81 6.25 7.10
CA GLN A 544 8.55 5.41 6.18
C GLN A 544 7.69 4.76 5.11
N ILE A 545 6.35 4.87 5.19
CA ILE A 545 5.49 4.32 4.15
C ILE A 545 4.57 5.38 3.56
N THR A 546 3.68 5.96 4.37
CA THR A 546 2.76 6.97 3.84
C THR A 546 3.48 8.17 3.23
N HIS A 547 4.57 8.64 3.87
CA HIS A 547 5.42 9.68 3.29
C HIS A 547 5.69 9.43 1.81
N HIS A 548 6.16 8.22 1.45
CA HIS A 548 6.46 7.91 0.06
C HIS A 548 5.20 7.76 -0.77
N PHE A 549 4.13 7.25 -0.17
CA PHE A 549 2.86 7.19 -0.88
C PHE A 549 2.40 8.60 -1.27
N ARG A 550 2.61 9.58 -0.38
CA ARG A 550 2.22 10.95 -0.73
C ARG A 550 3.03 11.47 -1.90
N VAL A 551 4.33 11.18 -1.92
CA VAL A 551 5.15 11.63 -3.03
C VAL A 551 4.66 10.97 -4.32
N ALA A 552 4.51 9.64 -4.29
CA ALA A 552 4.08 8.89 -5.48
C ALA A 552 2.71 9.33 -5.96
N ARG A 553 1.82 9.72 -5.03
CA ARG A 553 0.48 10.18 -5.40
C ARG A 553 0.55 11.39 -6.35
N LYS A 554 1.23 12.45 -5.90
CA LYS A 554 1.38 13.66 -6.71
C LYS A 554 2.15 13.38 -8.00
N ALA A 555 3.40 12.93 -7.88
CA ALA A 555 4.28 12.77 -9.03
C ALA A 555 3.75 11.80 -10.06
N GLY A 556 2.92 10.82 -9.68
CA GLY A 556 2.33 9.94 -10.69
C GLY A 556 1.39 10.65 -11.66
N LEU A 557 0.96 11.86 -11.33
CA LEU A 557 0.09 12.65 -12.21
C LEU A 557 0.88 13.52 -13.18
N ILE A 558 2.18 13.67 -12.97
CA ILE A 558 3.02 14.59 -13.74
C ILE A 558 3.58 13.87 -14.96
N GLU A 559 3.05 14.18 -16.13
CA GLU A 559 3.64 13.67 -17.35
C GLU A 559 5.13 13.97 -17.40
N GLY A 560 5.92 12.96 -17.76
CA GLY A 560 7.37 13.12 -17.86
C GLY A 560 8.15 13.02 -16.57
N ALA A 561 7.51 12.62 -15.47
CA ALA A 561 8.23 12.35 -14.23
C ALA A 561 8.69 10.90 -14.16
N ASN A 562 9.63 10.66 -13.23
CA ASN A 562 10.16 9.37 -12.83
C ASN A 562 10.16 9.43 -11.30
N VAL A 563 9.76 8.35 -10.64
CA VAL A 563 9.66 8.34 -9.18
C VAL A 563 10.56 7.25 -8.62
N THR A 564 11.35 7.62 -7.61
CA THR A 564 12.19 6.69 -6.87
C THR A 564 11.95 6.92 -5.39
N LEU A 565 11.65 5.84 -4.68
CA LEU A 565 11.37 5.89 -3.25
C LEU A 565 12.52 5.21 -2.53
N VAL A 566 13.13 5.90 -1.57
CA VAL A 566 14.33 5.43 -0.89
C VAL A 566 13.98 5.11 0.56
N THR A 567 14.34 3.82 1.01
CA THR A 567 14.14 3.35 2.38
C THR A 567 15.43 3.52 3.18
N PRO A 568 15.34 3.77 4.47
CA PRO A 568 16.45 4.45 5.18
C PRO A 568 17.56 3.48 5.54
N PRO A 569 18.79 3.99 5.75
CA PRO A 569 19.83 3.14 6.32
C PRO A 569 19.61 2.94 7.82
N THR A 570 20.45 2.14 8.45
CA THR A 570 20.48 2.11 9.90
C THR A 570 21.39 3.22 10.42
N SER A 571 21.36 3.44 11.72
CA SER A 571 22.30 4.36 12.33
C SER A 571 23.70 3.73 12.37
N ALA A 572 24.66 4.51 12.87
CA ALA A 572 26.01 3.99 13.07
C ALA A 572 26.04 2.88 14.11
N ARG A 573 25.27 3.04 15.20
CA ARG A 573 25.08 1.96 16.16
C ARG A 573 24.66 0.67 15.46
N SER A 574 23.78 0.79 14.45
CA SER A 574 23.40 -0.31 13.57
C SER A 574 22.91 -1.52 14.36
N THR A 575 21.97 -1.27 15.28
CA THR A 575 21.44 -2.32 16.15
C THR A 575 20.53 -3.29 15.39
N SER A 576 20.43 -4.51 15.91
CA SER A 576 19.61 -5.56 15.30
C SER A 576 18.16 -5.12 15.19
N GLU A 577 17.62 -4.49 16.24
CA GLU A 577 16.29 -3.93 16.15
C GLU A 577 16.16 -2.98 14.97
N GLU A 578 17.11 -2.06 14.82
CA GLU A 578 17.07 -1.12 13.70
C GLU A 578 17.08 -1.83 12.35
N PHE A 579 17.88 -2.89 12.25
CA PHE A 579 17.93 -3.69 11.02
C PHE A 579 16.59 -4.37 10.75
N ALA A 580 15.93 -4.83 11.82
CA ALA A 580 14.63 -5.45 11.66
C ALA A 580 13.60 -4.44 11.19
N LEU A 581 13.61 -3.23 11.76
CA LEU A 581 12.65 -2.23 11.33
C LEU A 581 12.92 -1.82 9.87
N ALA A 582 14.20 -1.75 9.48
CA ALA A 582 14.49 -1.42 8.10
C ALA A 582 13.95 -2.48 7.13
N ASN A 583 14.12 -3.76 7.45
CA ASN A 583 13.60 -4.80 6.56
C ASN A 583 12.09 -4.80 6.57
N PHE A 584 11.48 -4.48 7.72
CA PHE A 584 10.04 -4.30 7.75
C PHE A 584 9.64 -3.22 6.77
N VAL A 585 10.29 -2.06 6.86
CA VAL A 585 9.94 -0.94 5.98
C VAL A 585 10.12 -1.33 4.53
N LYS A 586 11.23 -2.00 4.21
CA LYS A 586 11.50 -2.37 2.82
C LYS A 586 10.42 -3.28 2.27
N THR A 587 10.09 -4.35 3.00
CA THR A 587 9.09 -5.30 2.54
C THR A 587 7.73 -4.64 2.39
N THR A 588 7.34 -3.84 3.37
CA THR A 588 6.02 -3.20 3.34
C THR A 588 5.93 -2.21 2.19
N LEU A 589 6.96 -1.38 2.01
CA LEU A 589 6.93 -0.38 0.93
C LEU A 589 6.94 -1.01 -0.45
N HIS A 590 7.56 -2.18 -0.60
CA HIS A 590 7.66 -2.80 -1.91
C HIS A 590 6.29 -3.14 -2.48
N ALA A 591 5.36 -3.54 -1.63
CA ALA A 591 4.00 -3.77 -2.09
C ALA A 591 3.40 -2.50 -2.72
N LEU A 592 3.72 -1.33 -2.16
CA LEU A 592 3.31 -0.09 -2.80
C LEU A 592 4.05 0.15 -4.13
N THR A 593 5.38 -0.02 -4.11
CA THR A 593 6.15 0.25 -5.33
C THR A 593 5.75 -0.70 -6.46
N ALA A 594 5.54 -1.97 -6.15
CA ALA A 594 5.13 -2.92 -7.17
C ALA A 594 3.72 -2.60 -7.69
N THR A 595 2.79 -2.22 -6.80
CA THR A 595 1.44 -1.94 -7.30
C THR A 595 1.42 -0.64 -8.07
N ALA A 596 2.09 0.40 -7.55
CA ALA A 596 2.20 1.63 -8.32
C ALA A 596 2.80 1.33 -9.68
N GLY A 597 3.82 0.45 -9.71
CA GLY A 597 4.49 0.16 -10.96
C GLY A 597 3.58 -0.47 -11.98
N ALA A 598 2.80 -1.47 -11.55
CA ALA A 598 1.88 -2.13 -12.47
C ALA A 598 0.81 -1.16 -12.95
N GLU A 599 0.35 -0.28 -12.06
CA GLU A 599 -0.60 0.76 -12.46
C GLU A 599 0.01 1.66 -13.54
N SER A 600 1.25 2.16 -13.31
CA SER A 600 1.93 2.99 -14.32
C SER A 600 1.94 2.31 -15.67
N GLU A 601 2.21 1.00 -15.67
CA GLU A 601 2.36 0.31 -16.95
C GLU A 601 1.08 0.42 -17.79
N ARG A 602 -0.08 0.55 -17.14
CA ARG A 602 -1.38 0.49 -17.83
C ARG A 602 -2.00 1.85 -18.13
N THR A 603 -1.71 2.87 -17.33
CA THR A 603 -2.45 4.14 -17.32
C THR A 603 -1.50 5.29 -17.61
N VAL A 604 -1.87 6.16 -18.55
CA VAL A 604 -1.12 7.40 -18.77
C VAL A 604 -1.23 8.22 -17.49
N PRO A 605 -0.21 9.01 -17.13
CA PRO A 605 0.99 9.30 -17.92
C PRO A 605 2.17 8.29 -17.76
N HIS A 606 1.90 7.05 -17.36
CA HIS A 606 2.91 5.99 -17.32
C HIS A 606 4.17 6.43 -16.57
N VAL A 607 3.98 7.06 -15.42
CA VAL A 607 5.12 7.52 -14.64
C VAL A 607 5.72 6.32 -13.90
N PRO A 608 6.94 5.93 -14.19
CA PRO A 608 7.52 4.76 -13.50
C PRO A 608 7.75 5.01 -12.02
N VAL A 609 7.63 3.94 -11.25
CA VAL A 609 7.93 3.93 -9.82
C VAL A 609 8.89 2.78 -9.53
N ASN A 610 9.96 3.07 -8.79
CA ASN A 610 10.93 2.07 -8.35
C ASN A 610 11.41 2.46 -6.96
N GLN A 611 12.08 1.54 -6.30
CA GLN A 611 12.44 1.69 -4.90
C GLN A 611 13.91 1.34 -4.76
N VAL A 612 14.61 2.07 -3.89
CA VAL A 612 16.01 1.86 -3.59
C VAL A 612 16.14 1.74 -2.08
N ASP A 613 16.85 0.71 -1.61
CA ASP A 613 16.97 0.42 -0.18
C ASP A 613 18.40 0.62 0.30
N LEU A 614 18.55 1.37 1.40
CA LEU A 614 19.86 1.67 1.95
C LEU A 614 20.25 0.74 3.08
N THR A 615 19.53 -0.36 3.25
CA THR A 615 19.87 -1.42 4.20
C THR A 615 19.88 -2.71 3.43
N ARG A 616 20.93 -3.50 3.66
CA ARG A 616 21.18 -4.72 2.90
C ARG A 616 20.33 -5.89 3.41
N ARG A 617 20.33 -6.97 2.62
CA ARG A 617 19.48 -8.12 2.93
C ARG A 617 19.87 -8.77 4.25
N ALA A 618 21.16 -9.06 4.43
CA ALA A 618 21.64 -9.74 5.62
C ALA A 618 22.53 -8.79 6.42
N ARG A 619 22.45 -8.90 7.75
CA ARG A 619 23.12 -7.92 8.60
C ARG A 619 24.64 -7.94 8.43
N SER A 620 25.25 -9.11 8.13
CA SER A 620 26.69 -9.16 7.93
C SER A 620 27.15 -8.36 6.72
N GLU A 621 26.25 -8.10 5.76
CA GLU A 621 26.60 -7.35 4.55
C GLU A 621 26.65 -5.84 4.77
N GLU A 622 26.15 -5.34 5.89
CA GLU A 622 26.18 -3.90 6.12
C GLU A 622 27.63 -3.42 6.09
N PRO A 623 27.88 -2.20 5.60
CA PRO A 623 29.26 -1.69 5.57
C PRO A 623 29.81 -1.53 6.97
N ARG A 624 31.06 -1.96 7.16
CA ARG A 624 31.70 -1.93 8.47
C ARG A 624 32.94 -1.06 8.52
N THR A 625 33.44 -0.57 7.38
CA THR A 625 34.62 0.26 7.29
C THR A 625 34.25 1.49 6.47
N PRO A 626 35.00 2.60 6.61
CA PRO A 626 34.66 3.80 5.83
C PRO A 626 34.76 3.58 4.32
N SER A 627 35.67 2.72 3.88
CA SER A 627 35.78 2.39 2.46
C SER A 627 34.53 1.66 1.97
N GLU A 628 33.95 0.78 2.80
CA GLU A 628 32.73 0.09 2.41
C GLU A 628 31.54 1.04 2.37
N GLU A 629 31.51 2.03 3.27
CA GLU A 629 30.46 3.03 3.22
C GLU A 629 30.59 3.90 1.97
N GLU A 630 31.82 4.15 1.52
CA GLU A 630 32.03 4.86 0.27
C GLU A 630 31.55 4.04 -0.92
N GLU A 631 31.82 2.74 -0.91
CA GLU A 631 31.27 1.89 -1.96
C GLU A 631 29.75 1.96 -1.97
N GLU A 632 29.13 1.97 -0.78
CA GLU A 632 27.67 2.01 -0.73
C GLU A 632 27.13 3.31 -1.33
N LEU A 633 27.66 4.46 -0.90
CA LEU A 633 27.21 5.74 -1.42
C LEU A 633 27.37 5.80 -2.93
N GLN A 634 28.46 5.26 -3.45
CA GLN A 634 28.63 5.25 -4.89
C GLN A 634 27.54 4.43 -5.55
N ARG A 635 27.26 3.24 -4.99
CA ARG A 635 26.25 2.36 -5.55
C ARG A 635 24.86 2.99 -5.44
N PHE A 636 24.58 3.61 -4.29
CA PHE A 636 23.33 4.33 -4.11
C PHE A 636 23.12 5.34 -5.23
N VAL A 637 24.16 6.12 -5.54
CA VAL A 637 24.10 7.07 -6.66
C VAL A 637 23.75 6.34 -7.94
N ASN A 638 24.42 5.21 -8.21
CA ASN A 638 24.17 4.51 -9.46
C ASN A 638 22.76 3.94 -9.56
N ALA A 639 22.16 3.55 -8.43
CA ALA A 639 20.81 3.01 -8.51
C ALA A 639 19.78 4.14 -8.70
N VAL A 640 19.96 5.25 -7.99
CA VAL A 640 19.06 6.37 -8.18
C VAL A 640 19.11 6.85 -9.62
N LEU A 641 20.30 6.82 -10.23
CA LEU A 641 20.43 7.16 -11.64
C LEU A 641 19.74 6.13 -12.52
N LEU A 642 19.95 4.84 -12.23
CA LEU A 642 19.36 3.79 -13.06
C LEU A 642 17.84 3.89 -13.10
N THR A 643 17.22 4.34 -12.01
CA THR A 643 15.77 4.50 -11.99
C THR A 643 15.29 5.93 -12.26
N SER A 644 16.18 6.93 -12.29
CA SER A 644 15.75 8.30 -12.54
C SER A 644 15.75 8.66 -14.04
N ALA A 645 16.72 8.15 -14.79
CA ALA A 645 16.80 8.47 -16.20
C ALA A 645 15.57 7.92 -16.94
N PRO A 646 15.16 8.57 -18.03
CA PRO A 646 13.94 8.15 -18.73
C PRO A 646 13.91 6.66 -19.02
N LEU A 647 12.81 6.03 -18.64
CA LEU A 647 12.60 4.61 -18.77
C LEU A 647 11.68 4.32 -19.95
N PRO A 648 11.70 3.11 -20.49
CA PRO A 648 10.83 2.81 -21.63
C PRO A 648 9.36 2.83 -21.22
N THR A 649 8.56 3.42 -22.08
CA THR A 649 7.13 3.39 -21.93
C THR A 649 6.60 2.09 -22.49
N PRO A 650 5.35 1.76 -22.22
CA PRO A 650 4.76 0.58 -22.86
C PRO A 650 4.81 0.60 -24.38
N LEU A 651 4.84 1.78 -25.00
CA LEU A 651 4.87 1.83 -26.45
C LEU A 651 6.24 1.45 -27.02
N GLU A 652 7.31 1.69 -26.28
CA GLU A 652 8.64 1.39 -26.80
C GLU A 652 8.99 -0.09 -26.62
N SER A 653 8.71 -0.64 -25.44
CA SER A 653 8.93 -2.06 -25.18
C SER A 653 7.83 -2.52 -24.24
N ARG A 654 7.01 -3.48 -24.68
CA ARG A 654 6.03 -3.98 -23.73
C ARG A 654 6.71 -4.71 -22.58
N TYR A 655 7.80 -5.45 -22.87
CA TYR A 655 8.50 -6.17 -21.80
C TYR A 655 9.23 -5.21 -20.87
N ARG A 656 10.06 -4.31 -21.42
CA ARG A 656 10.93 -3.51 -20.57
C ARG A 656 10.15 -2.49 -19.74
N ALA A 657 9.04 -2.01 -20.28
CA ALA A 657 8.16 -1.14 -19.50
C ALA A 657 7.56 -1.88 -18.32
N ARG A 658 7.26 -3.18 -18.50
CA ARG A 658 6.81 -3.99 -17.38
C ARG A 658 7.89 -4.19 -16.33
N ILE A 659 9.07 -4.66 -16.74
CA ILE A 659 10.05 -5.09 -15.74
C ILE A 659 10.84 -3.93 -15.17
N TYR A 660 10.91 -2.79 -15.84
CA TYR A 660 11.66 -1.66 -15.30
C TYR A 660 10.82 -0.80 -14.37
N ARG A 661 9.62 -1.28 -13.98
CA ARG A 661 8.77 -0.65 -12.98
C ARG A 661 8.47 -1.63 -11.85
N GLY A 662 8.36 -1.10 -10.63
CA GLY A 662 8.01 -1.89 -9.46
C GLY A 662 9.17 -2.58 -8.77
N ASN A 663 10.41 -2.22 -9.10
CA ASN A 663 11.55 -2.86 -8.48
C ASN A 663 11.86 -2.29 -7.10
N ALA A 664 12.57 -3.10 -6.31
CA ALA A 664 13.19 -2.72 -5.05
C ALA A 664 14.65 -3.15 -5.12
N ILE A 665 15.54 -2.18 -5.33
CA ILE A 665 16.94 -2.42 -5.59
C ILE A 665 17.73 -2.04 -4.33
N THR A 666 18.37 -3.04 -3.74
CA THR A 666 19.29 -2.85 -2.63
C THR A 666 20.66 -2.41 -3.15
N VAL A 667 21.31 -1.49 -2.45
CA VAL A 667 22.63 -1.02 -2.92
C VAL A 667 23.75 -1.40 -1.94
#